data_4S26
#
_entry.id   4S26
#
_cell.length_a   175.911
_cell.length_b   95.596
_cell.length_c   71.414
_cell.angle_alpha   90.00
_cell.angle_beta   104.22
_cell.angle_gamma   90.00
#
_symmetry.space_group_name_H-M   'C 1 2 1'
#
loop_
_entity.id
_entity.type
_entity.pdbx_description
1 polymer 'Phosphomethylpyrimidine synthase, chloroplastic'
2 non-polymer 'IRON/SULFUR CLUSTER'
3 non-polymer 1-(5-O-phosphono-beta-D-ribofuranosyl)-1H-imidazole
4 non-polymer S-ADENOSYL-L-HOMOCYSTEINE
5 non-polymer 'ZINC ION'
6 non-polymer 'CHLORIDE ION'
7 water water
#
_entity_poly.entity_id   1
_entity_poly.type   'polypeptide(L)'
_entity_poly.pdbx_seq_one_letter_code
;GHMKHTIDPSSPDFQPIPSFEECFPKSTKEHKEVVHEESGHVLKVPFRRVHLSGGEPAFDNYDTSGPQNVNAHIGLAKLR
KEWIDRREKLGTPRYTQMYYAKQGIITEEMLYCATREKLDPEFVRSEVARGRAIIPSNKKHLELEPMIVGRKFLVKVNAN
IGNSAVASSIEEEVYKVQWATMWGADTIMDLSTGRHIHETREWILRNSAVPVGTVPIYQALEKVDGIAENLNWEVFRETL
IEQAEQGVDYFTIHAGVLLRYIPLTAKRLTGIVSRGGSIHAKWCLAYHKENFAYEHWDDILDICNQYDVALSIGDGLRPG
SIYDANDTAQFAELLTQGELTRRAWEKDVQVMNEGPGHVPMHKIPENMQKQLEWCNEAPFYTLGPLTTDIAPGYDHITSA
IGAANIGALGTALLCYVTPKEHLGLPNRDDVKAGVIAYKIAAHAADLAKQHPHAQAWDDALSKARFEFRWMDQFALSLDP
MTAMSFHDETLPADGAKVAHFCSMCGPKFCSMKITEDIRKYAEENGYGSAEEAIRQGMDAMSEEFNIAKKTISGEQHGEV
GGEIYLPESYVKAAQK
;
_entity_poly.pdbx_strand_id   A,B
#
loop_
_chem_comp.id
_chem_comp.type
_chem_comp.name
_chem_comp.formula
CL non-polymer 'CHLORIDE ION' 'Cl -1'
IRN RNA linking 1-(5-O-phosphono-beta-D-ribofuranosyl)-1H-imidazole 'C8 H13 N2 O7 P'
SF4 non-polymer 'IRON/SULFUR CLUSTER' 'Fe4 S4'
ZN non-polymer 'ZINC ION' 'Zn 2'
#
# COMPACT_ATOMS: atom_id res chain seq x y z
N PRO A 9 -35.63 21.31 7.56
CA PRO A 9 -35.47 20.48 6.35
C PRO A 9 -34.79 21.25 5.22
N SER A 10 -33.57 20.86 4.86
CA SER A 10 -32.77 21.61 3.90
C SER A 10 -33.17 21.31 2.47
N SER A 11 -32.98 22.28 1.59
CA SER A 11 -33.12 22.07 0.15
C SER A 11 -31.74 22.08 -0.52
N PRO A 12 -31.08 20.91 -0.53
CA PRO A 12 -29.68 20.85 -0.98
C PRO A 12 -29.54 21.05 -2.48
N ASP A 13 -28.45 21.71 -2.89
CA ASP A 13 -28.17 21.90 -4.30
C ASP A 13 -27.25 20.78 -4.80
N PHE A 14 -27.84 19.70 -5.30
CA PHE A 14 -27.07 18.50 -5.68
C PHE A 14 -26.28 18.68 -6.96
N GLN A 15 -25.08 18.13 -6.97
CA GLN A 15 -24.22 18.12 -8.14
C GLN A 15 -24.06 16.67 -8.60
N PRO A 16 -24.43 16.38 -9.85
CA PRO A 16 -24.29 15.00 -10.37
C PRO A 16 -22.83 14.59 -10.43
N ILE A 17 -22.54 13.34 -10.06
CA ILE A 17 -21.17 12.84 -10.20
C ILE A 17 -20.89 12.64 -11.68
N PRO A 18 -19.60 12.63 -12.07
CA PRO A 18 -19.23 12.27 -13.43
C PRO A 18 -19.90 10.97 -13.85
N SER A 19 -20.22 10.85 -15.14
CA SER A 19 -21.02 9.74 -15.61
C SER A 19 -20.23 8.43 -15.56
N PHE A 20 -20.94 7.32 -15.59
CA PHE A 20 -20.34 6.00 -15.69
C PHE A 20 -19.41 5.91 -16.91
N GLU A 21 -19.85 6.50 -18.02
CA GLU A 21 -19.07 6.46 -19.25
C GLU A 21 -17.78 7.28 -19.14
N GLU A 22 -17.84 8.39 -18.42
CA GLU A 22 -16.66 9.20 -18.14
C GLU A 22 -15.65 8.43 -17.29
N CYS A 23 -16.16 7.69 -16.30
CA CYS A 23 -15.32 6.98 -15.34
C CYS A 23 -14.77 5.67 -15.90
N PHE A 24 -15.57 5.00 -16.72
CA PHE A 24 -15.22 3.70 -17.25
C PHE A 24 -15.43 3.61 -18.76
N PRO A 25 -14.56 4.27 -19.52
CA PRO A 25 -14.66 4.18 -20.99
C PRO A 25 -14.60 2.74 -21.49
N LYS A 26 -15.42 2.48 -22.51
CA LYS A 26 -15.56 1.17 -23.15
C LYS A 26 -16.30 0.14 -22.27
N SER A 27 -16.78 0.56 -21.10
CA SER A 27 -17.61 -0.30 -20.28
C SER A 27 -19.11 -0.05 -20.46
N THR A 28 -19.89 -1.12 -20.31
CA THR A 28 -21.33 -1.00 -20.17
C THR A 28 -21.80 -1.65 -18.87
N LYS A 29 -22.89 -1.13 -18.32
CA LYS A 29 -23.55 -1.78 -17.19
C LYS A 29 -24.43 -2.89 -17.74
N GLU A 30 -24.31 -4.08 -17.17
CA GLU A 30 -25.13 -5.19 -17.60
C GLU A 30 -25.88 -5.80 -16.41
N HIS A 31 -26.78 -6.74 -16.71
CA HIS A 31 -27.48 -7.50 -15.67
C HIS A 31 -27.67 -8.93 -16.14
N LYS A 32 -27.50 -9.86 -15.21
CA LYS A 32 -27.84 -11.25 -15.42
C LYS A 32 -29.22 -11.50 -14.81
N GLU A 33 -30.19 -11.82 -15.66
CA GLU A 33 -31.53 -12.16 -15.16
C GLU A 33 -31.59 -13.61 -14.69
N VAL A 34 -32.02 -13.79 -13.45
CA VAL A 34 -32.26 -15.12 -12.89
C VAL A 34 -33.63 -15.13 -12.21
N VAL A 35 -34.30 -16.27 -12.25
CA VAL A 35 -35.62 -16.40 -11.67
C VAL A 35 -35.57 -17.13 -10.33
N HIS A 36 -36.13 -16.50 -9.31
CA HIS A 36 -36.28 -17.13 -8.00
C HIS A 36 -37.49 -18.07 -8.03
N GLU A 37 -37.23 -19.37 -8.06
CA GLU A 37 -38.27 -20.37 -8.33
C GLU A 37 -39.48 -20.30 -7.39
N GLU A 38 -39.22 -20.26 -6.09
CA GLU A 38 -40.28 -20.36 -5.09
C GLU A 38 -41.24 -19.17 -5.13
N SER A 39 -40.83 -18.08 -5.73
CA SER A 39 -41.63 -16.87 -5.75
C SER A 39 -41.97 -16.44 -7.17
N GLY A 40 -41.16 -16.91 -8.13
CA GLY A 40 -41.28 -16.47 -9.50
C GLY A 40 -40.76 -15.07 -9.73
N HIS A 41 -40.16 -14.46 -8.71
CA HIS A 41 -39.59 -13.12 -8.88
C HIS A 41 -38.38 -13.14 -9.80
N VAL A 42 -38.29 -12.13 -10.66
CA VAL A 42 -37.17 -12.04 -11.59
C VAL A 42 -36.12 -11.10 -11.00
N LEU A 43 -34.89 -11.60 -10.88
CA LEU A 43 -33.81 -10.81 -10.32
C LEU A 43 -32.89 -10.32 -11.43
N LYS A 44 -32.48 -9.06 -11.36
CA LYS A 44 -31.53 -8.52 -12.33
C LYS A 44 -30.21 -8.14 -11.66
N VAL A 45 -29.26 -9.07 -11.73
CA VAL A 45 -28.01 -8.96 -10.97
C VAL A 45 -26.96 -8.19 -11.75
N PRO A 46 -26.50 -7.06 -11.20
CA PRO A 46 -25.59 -6.18 -11.94
C PRO A 46 -24.20 -6.77 -12.19
N PHE A 47 -23.64 -6.45 -13.35
CA PHE A 47 -22.20 -6.59 -13.57
C PHE A 47 -21.77 -5.55 -14.61
N ARG A 48 -20.46 -5.35 -14.72
CA ARG A 48 -19.91 -4.39 -15.66
C ARG A 48 -19.15 -5.12 -16.73
N ARG A 49 -19.34 -4.74 -17.99
CA ARG A 49 -18.67 -5.43 -19.08
C ARG A 49 -17.68 -4.51 -19.79
N VAL A 50 -16.42 -4.93 -19.90
CA VAL A 50 -15.42 -4.11 -20.59
C VAL A 50 -15.28 -4.63 -22.00
N HIS A 51 -15.61 -3.77 -22.97
CA HIS A 51 -15.55 -4.15 -24.38
C HIS A 51 -14.15 -3.90 -24.95
N LEU A 52 -13.53 -4.97 -25.41
CA LEU A 52 -12.13 -4.90 -25.83
C LEU A 52 -12.00 -4.92 -27.34
N SER A 53 -10.84 -4.48 -27.81
CA SER A 53 -10.58 -4.42 -29.24
C SER A 53 -9.78 -5.64 -29.70
N GLY A 54 -9.55 -5.71 -31.01
CA GLY A 54 -8.74 -6.77 -31.58
C GLY A 54 -9.37 -8.13 -31.41
N GLY A 55 -10.69 -8.17 -31.35
CA GLY A 55 -11.40 -9.43 -31.20
C GLY A 55 -11.23 -10.19 -29.89
N GLU A 56 -10.68 -9.55 -28.86
CA GLU A 56 -10.64 -10.18 -27.53
C GLU A 56 -12.06 -10.30 -26.97
N PRO A 57 -12.33 -11.38 -26.22
CA PRO A 57 -13.62 -11.47 -25.52
C PRO A 57 -13.80 -10.33 -24.54
N ALA A 58 -15.03 -9.84 -24.38
CA ALA A 58 -15.31 -8.80 -23.39
C ALA A 58 -15.02 -9.34 -21.99
N PHE A 59 -14.56 -8.45 -21.10
CA PHE A 59 -14.28 -8.86 -19.72
C PHE A 59 -15.38 -8.40 -18.76
N ASP A 60 -15.99 -9.36 -18.08
CA ASP A 60 -17.06 -9.07 -17.13
C ASP A 60 -16.48 -8.94 -15.73
N ASN A 61 -16.92 -7.92 -15.00
CA ASN A 61 -16.41 -7.62 -13.67
C ASN A 61 -17.57 -7.26 -12.75
N TYR A 62 -17.27 -7.24 -11.45
CA TYR A 62 -18.22 -6.82 -10.44
C TYR A 62 -18.65 -5.36 -10.64
N ASP A 63 -19.89 -5.05 -10.28
CA ASP A 63 -20.37 -3.68 -10.45
C ASP A 63 -21.16 -3.21 -9.23
N THR A 64 -20.57 -2.29 -8.47
CA THR A 64 -21.25 -1.68 -7.32
C THR A 64 -21.89 -0.32 -7.59
N SER A 65 -21.69 0.23 -8.78
CA SER A 65 -22.07 1.62 -9.10
C SER A 65 -23.57 1.93 -8.97
N GLY A 66 -24.40 0.91 -9.13
CA GLY A 66 -25.84 1.04 -8.95
C GLY A 66 -26.50 1.74 -10.13
N PRO A 67 -27.82 1.97 -10.03
CA PRO A 67 -28.55 2.70 -11.07
C PRO A 67 -27.98 4.08 -11.31
N GLN A 68 -27.89 4.50 -12.57
CA GLN A 68 -27.22 5.76 -12.90
C GLN A 68 -28.20 6.88 -13.26
N ASN A 69 -27.75 8.11 -13.05
CA ASN A 69 -28.46 9.32 -13.46
C ASN A 69 -29.82 9.51 -12.76
N VAL A 70 -29.96 8.97 -11.54
CA VAL A 70 -31.22 9.09 -10.83
C VAL A 70 -31.28 10.38 -10.04
N ASN A 71 -32.38 11.12 -10.18
CA ASN A 71 -32.59 12.36 -9.45
C ASN A 71 -32.68 12.04 -7.96
N ALA A 72 -31.94 12.76 -7.13
CA ALA A 72 -31.83 12.43 -5.71
C ALA A 72 -33.17 12.56 -5.00
N HIS A 73 -34.00 13.49 -5.48
CA HIS A 73 -35.32 13.74 -4.91
C HIS A 73 -36.26 12.58 -5.18
N ILE A 74 -36.00 11.85 -6.25
CA ILE A 74 -36.86 10.72 -6.63
C ILE A 74 -36.36 9.44 -5.96
N GLY A 75 -35.04 9.25 -5.97
CA GLY A 75 -34.46 8.11 -5.28
C GLY A 75 -34.45 6.89 -6.17
N LEU A 76 -33.62 5.91 -5.81
CA LEU A 76 -33.51 4.68 -6.56
C LEU A 76 -34.80 3.86 -6.58
N ALA A 77 -34.94 3.00 -7.59
CA ALA A 77 -36.06 2.06 -7.64
C ALA A 77 -36.08 1.15 -6.42
N LYS A 78 -37.27 0.83 -5.94
CA LYS A 78 -37.41 -0.02 -4.77
C LYS A 78 -37.52 -1.49 -5.19
N LEU A 79 -36.42 -2.03 -5.70
CA LEU A 79 -36.40 -3.35 -6.34
C LEU A 79 -36.75 -4.53 -5.44
N ARG A 80 -36.63 -4.36 -4.12
CA ARG A 80 -36.88 -5.47 -3.21
C ARG A 80 -38.32 -5.53 -2.67
N LYS A 81 -39.15 -4.56 -3.06
CA LYS A 81 -40.50 -4.44 -2.52
C LYS A 81 -41.33 -5.73 -2.56
N GLU A 82 -41.44 -6.35 -3.73
CA GLU A 82 -42.28 -7.53 -3.86
C GLU A 82 -41.70 -8.72 -3.11
N TRP A 83 -40.40 -8.72 -2.86
CA TRP A 83 -39.79 -9.79 -2.07
C TRP A 83 -40.28 -9.69 -0.63
N ILE A 84 -40.18 -8.48 -0.09
CA ILE A 84 -40.48 -8.23 1.31
C ILE A 84 -41.97 -8.43 1.59
N ASP A 85 -42.80 -7.95 0.68
CA ASP A 85 -44.25 -8.02 0.82
C ASP A 85 -44.73 -9.47 0.80
N ARG A 86 -44.15 -10.28 -0.09
CA ARG A 86 -44.51 -11.68 -0.17
C ARG A 86 -44.10 -12.41 1.09
N ARG A 87 -42.92 -12.10 1.63
CA ARG A 87 -42.47 -12.78 2.84
C ARG A 87 -43.29 -12.33 4.04
N GLU A 88 -43.76 -11.09 3.99
CA GLU A 88 -44.61 -10.55 5.05
C GLU A 88 -45.99 -11.21 5.04
N LYS A 89 -46.54 -11.42 3.85
CA LYS A 89 -47.84 -12.08 3.71
C LYS A 89 -47.78 -13.50 4.25
N LEU A 90 -46.68 -14.19 3.94
CA LEU A 90 -46.50 -15.58 4.34
C LEU A 90 -46.37 -15.75 5.85
N GLY A 91 -46.14 -14.65 6.56
CA GLY A 91 -46.04 -14.70 8.01
C GLY A 91 -44.81 -15.41 8.53
N THR A 92 -44.14 -14.79 9.51
CA THR A 92 -42.89 -15.31 10.05
C THR A 92 -42.55 -14.59 11.36
N PRO A 93 -41.99 -15.31 12.33
CA PRO A 93 -41.63 -14.71 13.63
C PRO A 93 -40.38 -13.85 13.57
N ARG A 94 -39.52 -14.12 12.59
CA ARG A 94 -38.26 -13.41 12.42
C ARG A 94 -38.01 -13.16 10.94
N TYR A 95 -37.25 -12.11 10.63
CA TYR A 95 -37.18 -11.68 9.24
C TYR A 95 -35.74 -11.62 8.71
N THR A 96 -34.81 -12.22 9.44
CA THR A 96 -33.41 -12.17 9.02
C THR A 96 -33.04 -13.25 8.03
N GLN A 97 -32.01 -12.97 7.23
CA GLN A 97 -31.51 -13.94 6.28
C GLN A 97 -31.04 -15.19 7.01
N MET A 98 -30.53 -15.02 8.22
CA MET A 98 -30.07 -16.18 8.99
C MET A 98 -31.26 -17.08 9.38
N TYR A 99 -32.33 -16.48 9.88
CA TYR A 99 -33.56 -17.23 10.15
C TYR A 99 -34.04 -18.03 8.95
N TYR A 100 -34.17 -17.37 7.79
CA TYR A 100 -34.62 -18.07 6.58
C TYR A 100 -33.66 -19.21 6.21
N ALA A 101 -32.36 -18.91 6.25
CA ALA A 101 -31.35 -19.90 5.90
C ALA A 101 -31.44 -21.16 6.80
N LYS A 102 -31.65 -20.95 8.09
CA LYS A 102 -31.77 -22.07 9.03
C LYS A 102 -33.06 -22.86 8.84
N GLN A 103 -34.05 -22.24 8.21
CA GLN A 103 -35.28 -22.91 7.82
C GLN A 103 -35.11 -23.72 6.54
N GLY A 104 -33.96 -23.54 5.89
CA GLY A 104 -33.70 -24.23 4.65
C GLY A 104 -34.25 -23.48 3.46
N ILE A 105 -34.52 -22.19 3.66
CA ILE A 105 -35.10 -21.38 2.60
C ILE A 105 -34.05 -20.56 1.87
N ILE A 106 -33.99 -20.72 0.56
CA ILE A 106 -33.13 -19.86 -0.26
C ILE A 106 -33.93 -18.63 -0.70
N THR A 107 -33.59 -17.48 -0.13
CA THR A 107 -34.30 -16.23 -0.38
C THR A 107 -33.89 -15.61 -1.72
N GLU A 108 -34.61 -14.56 -2.12
CA GLU A 108 -34.19 -13.76 -3.26
C GLU A 108 -32.79 -13.17 -3.02
N GLU A 109 -32.55 -12.65 -1.82
CA GLU A 109 -31.26 -12.04 -1.49
C GLU A 109 -30.12 -13.04 -1.64
N MET A 110 -30.37 -14.28 -1.21
CA MET A 110 -29.37 -15.33 -1.31
C MET A 110 -29.08 -15.69 -2.76
N LEU A 111 -30.13 -15.82 -3.56
CA LEU A 111 -29.97 -16.17 -4.97
C LEU A 111 -29.25 -15.04 -5.71
N TYR A 112 -29.60 -13.80 -5.36
CA TYR A 112 -28.98 -12.61 -5.92
C TYR A 112 -27.46 -12.62 -5.69
N CYS A 113 -27.06 -12.77 -4.41
CA CYS A 113 -25.65 -12.84 -4.02
C CYS A 113 -24.91 -13.98 -4.69
N ALA A 114 -25.53 -15.15 -4.70
CA ALA A 114 -24.97 -16.33 -5.33
C ALA A 114 -24.63 -16.04 -6.79
N THR A 115 -25.56 -15.40 -7.49
CA THR A 115 -25.36 -15.08 -8.90
C THR A 115 -24.23 -14.07 -9.03
N ARG A 116 -24.24 -13.07 -8.15
CA ARG A 116 -23.24 -12.01 -8.16
C ARG A 116 -21.82 -12.51 -7.91
N GLU A 117 -21.71 -13.60 -7.14
CA GLU A 117 -20.43 -14.19 -6.72
C GLU A 117 -20.06 -15.40 -7.58
N LYS A 118 -20.98 -15.80 -8.45
CA LYS A 118 -20.81 -17.00 -9.27
C LYS A 118 -20.59 -18.26 -8.41
N LEU A 119 -21.38 -18.38 -7.35
CA LEU A 119 -21.33 -19.57 -6.49
C LEU A 119 -22.72 -20.18 -6.36
N ASP A 120 -22.81 -21.37 -5.78
CA ASP A 120 -24.09 -22.06 -5.70
C ASP A 120 -24.99 -21.41 -4.65
N PRO A 121 -26.28 -21.20 -4.98
CA PRO A 121 -27.23 -20.63 -4.01
C PRO A 121 -27.29 -21.43 -2.71
N GLU A 122 -27.21 -22.75 -2.79
CA GLU A 122 -27.18 -23.57 -1.60
C GLU A 122 -25.91 -23.35 -0.77
N PHE A 123 -24.78 -23.09 -1.43
CA PHE A 123 -23.58 -22.75 -0.66
C PHE A 123 -23.78 -21.44 0.09
N VAL A 124 -24.32 -20.43 -0.59
CA VAL A 124 -24.66 -19.17 0.07
C VAL A 124 -25.57 -19.38 1.27
N ARG A 125 -26.63 -20.18 1.10
CA ARG A 125 -27.55 -20.43 2.23
C ARG A 125 -26.79 -21.05 3.40
N SER A 126 -25.96 -22.04 3.11
CA SER A 126 -25.18 -22.74 4.12
C SER A 126 -24.30 -21.79 4.93
N GLU A 127 -23.62 -20.89 4.22
CA GLU A 127 -22.69 -19.96 4.84
C GLU A 127 -23.41 -18.96 5.74
N VAL A 128 -24.56 -18.46 5.30
CA VAL A 128 -25.36 -17.56 6.13
C VAL A 128 -25.92 -18.31 7.36
N ALA A 129 -26.41 -19.54 7.13
CA ALA A 129 -27.00 -20.32 8.21
C ALA A 129 -26.01 -20.61 9.36
N ARG A 130 -24.76 -20.86 9.00
CA ARG A 130 -23.72 -21.14 10.00
C ARG A 130 -23.05 -19.87 10.54
N GLY A 131 -23.42 -18.72 10.01
CA GLY A 131 -22.90 -17.45 10.53
C GLY A 131 -21.52 -17.02 10.01
N ARG A 132 -21.02 -17.71 8.98
CA ARG A 132 -19.70 -17.39 8.41
C ARG A 132 -19.81 -16.37 7.26
N ALA A 133 -21.03 -15.97 6.94
CA ALA A 133 -21.25 -14.90 5.95
C ALA A 133 -22.54 -14.19 6.29
N ILE A 134 -22.64 -12.91 5.94
CA ILE A 134 -23.86 -12.17 6.18
C ILE A 134 -24.30 -11.42 4.93
N ILE A 135 -25.61 -11.18 4.83
CA ILE A 135 -26.20 -10.41 3.76
C ILE A 135 -26.95 -9.24 4.41
N PRO A 136 -26.25 -8.09 4.61
CA PRO A 136 -26.84 -6.95 5.30
C PRO A 136 -27.93 -6.33 4.44
N SER A 137 -29.18 -6.44 4.87
CA SER A 137 -30.31 -6.20 3.99
C SER A 137 -31.62 -5.93 4.76
N ASN A 138 -31.62 -4.83 5.51
CA ASN A 138 -32.79 -4.34 6.23
C ASN A 138 -33.98 -4.33 5.26
N LYS A 139 -35.10 -4.90 5.69
CA LYS A 139 -36.29 -4.97 4.83
C LYS A 139 -36.88 -3.59 4.48
N LYS A 140 -36.42 -2.53 5.14
CA LYS A 140 -36.80 -1.15 4.80
C LYS A 140 -35.84 -0.48 3.80
N HIS A 141 -34.73 -1.15 3.49
CA HIS A 141 -33.84 -0.65 2.43
C HIS A 141 -34.20 -1.33 1.11
N LEU A 142 -35.31 -0.93 0.53
CA LEU A 142 -35.84 -1.57 -0.67
C LEU A 142 -34.98 -1.33 -1.92
N GLU A 143 -34.14 -0.30 -1.86
CA GLU A 143 -33.33 0.12 -3.01
C GLU A 143 -32.08 -0.74 -3.17
N LEU A 144 -31.80 -1.55 -2.15
CA LEU A 144 -30.54 -2.30 -2.07
C LEU A 144 -30.40 -3.36 -3.16
N GLU A 145 -29.24 -3.38 -3.81
CA GLU A 145 -28.81 -4.54 -4.61
C GLU A 145 -28.02 -5.46 -3.68
N PRO A 146 -28.56 -6.64 -3.36
CA PRO A 146 -27.95 -7.47 -2.31
C PRO A 146 -26.50 -7.88 -2.59
N MET A 147 -25.70 -7.95 -1.53
CA MET A 147 -24.32 -8.42 -1.60
C MET A 147 -24.03 -9.24 -0.35
N ILE A 148 -22.96 -10.02 -0.41
CA ILE A 148 -22.64 -10.91 0.69
C ILE A 148 -21.24 -10.61 1.22
N VAL A 149 -21.08 -10.71 2.54
CA VAL A 149 -19.79 -10.52 3.20
C VAL A 149 -19.37 -11.81 3.90
N GLY A 150 -18.25 -12.37 3.52
CA GLY A 150 -17.79 -13.59 4.17
C GLY A 150 -16.48 -14.06 3.55
N ARG A 151 -15.67 -14.71 4.37
CA ARG A 151 -14.36 -15.21 3.95
C ARG A 151 -14.37 -16.07 2.66
N LYS A 152 -15.45 -16.82 2.43
CA LYS A 152 -15.54 -17.68 1.23
C LYS A 152 -15.98 -16.93 -0.04
N PHE A 153 -16.13 -15.61 0.07
CA PHE A 153 -16.60 -14.78 -1.05
C PHE A 153 -15.56 -13.72 -1.38
N LEU A 154 -15.82 -12.90 -2.39
CA LEU A 154 -14.89 -11.81 -2.72
C LEU A 154 -14.68 -10.93 -1.48
N VAL A 155 -13.43 -10.52 -1.26
CA VAL A 155 -13.16 -9.57 -0.18
C VAL A 155 -13.84 -8.24 -0.51
N LYS A 156 -14.58 -7.72 0.46
CA LYS A 156 -15.36 -6.50 0.26
C LYS A 156 -14.72 -5.28 0.90
N VAL A 157 -15.11 -4.09 0.42
CA VAL A 157 -14.56 -2.84 0.88
C VAL A 157 -15.67 -1.90 1.37
N ASN A 158 -15.51 -1.35 2.57
CA ASN A 158 -16.41 -0.31 3.04
C ASN A 158 -15.83 1.08 2.94
N ALA A 159 -16.65 2.04 2.50
CA ALA A 159 -16.27 3.45 2.51
C ALA A 159 -17.07 4.22 3.55
N ASN A 160 -16.36 4.90 4.45
CA ASN A 160 -16.96 5.75 5.46
C ASN A 160 -17.14 7.16 4.96
N ILE A 161 -18.34 7.67 5.10
CA ILE A 161 -18.64 9.05 4.75
C ILE A 161 -19.50 9.67 5.85
N GLY A 162 -19.91 10.93 5.69
CA GLY A 162 -20.72 11.59 6.69
C GLY A 162 -20.15 12.95 7.09
N ASN A 163 -20.99 13.84 7.62
CA ASN A 163 -20.48 15.16 7.99
C ASN A 163 -19.87 15.17 9.39
N SER A 164 -19.35 16.31 9.80
CA SER A 164 -19.06 16.58 11.21
C SER A 164 -19.64 17.95 11.55
N ALA A 165 -19.53 18.38 12.81
CA ALA A 165 -20.01 19.71 13.20
C ALA A 165 -19.18 20.80 12.53
N VAL A 166 -18.02 20.41 12.04
CA VAL A 166 -17.03 21.34 11.52
C VAL A 166 -17.08 21.45 9.99
N ALA A 167 -17.53 20.41 9.30
CA ALA A 167 -17.40 20.41 7.85
C ALA A 167 -18.44 19.57 7.10
N SER A 168 -18.63 19.95 5.84
CA SER A 168 -19.45 19.27 4.83
C SER A 168 -20.93 19.52 4.97
N SER A 169 -21.70 18.91 4.07
CA SER A 169 -23.10 19.24 3.88
C SER A 169 -23.85 18.08 3.27
N ILE A 170 -25.18 18.14 3.27
CA ILE A 170 -25.98 17.06 2.69
C ILE A 170 -25.64 16.79 1.22
N GLU A 171 -25.50 17.85 0.41
CA GLU A 171 -25.23 17.62 -1.01
C GLU A 171 -23.84 17.01 -1.20
N GLU A 172 -22.88 17.38 -0.36
CA GLU A 172 -21.53 16.84 -0.51
C GLU A 172 -21.49 15.37 -0.09
N GLU A 173 -22.29 14.99 0.91
CA GLU A 173 -22.28 13.60 1.37
C GLU A 173 -23.04 12.68 0.40
N VAL A 174 -24.11 13.17 -0.21
CA VAL A 174 -24.79 12.39 -1.24
C VAL A 174 -23.88 12.17 -2.46
N TYR A 175 -23.14 13.21 -2.86
CA TYR A 175 -22.12 13.06 -3.90
C TYR A 175 -21.12 11.96 -3.51
N LYS A 176 -20.61 12.02 -2.29
CA LYS A 176 -19.59 11.08 -1.84
C LYS A 176 -20.08 9.63 -1.81
N VAL A 177 -21.36 9.41 -1.53
CA VAL A 177 -21.94 8.05 -1.59
C VAL A 177 -21.96 7.52 -3.02
N GLN A 178 -22.48 8.32 -3.95
CA GLN A 178 -22.51 7.92 -5.36
C GLN A 178 -21.10 7.68 -5.93
N TRP A 179 -20.16 8.54 -5.54
CA TRP A 179 -18.77 8.51 -5.96
C TRP A 179 -18.04 7.28 -5.38
N ALA A 180 -18.22 7.04 -4.08
CA ALA A 180 -17.57 5.88 -3.46
C ALA A 180 -17.99 4.57 -4.14
N THR A 181 -19.30 4.41 -4.37
CA THR A 181 -19.81 3.21 -5.06
C THR A 181 -19.40 3.14 -6.53
N MET A 182 -19.24 4.29 -7.18
CA MET A 182 -18.77 4.27 -8.57
C MET A 182 -17.41 3.57 -8.68
N TRP A 183 -16.54 3.82 -7.71
CA TRP A 183 -15.19 3.30 -7.78
C TRP A 183 -15.04 1.95 -7.13
N GLY A 184 -16.10 1.48 -6.48
CA GLY A 184 -16.10 0.09 -6.04
C GLY A 184 -16.38 -0.18 -4.57
N ALA A 185 -16.81 0.83 -3.82
CA ALA A 185 -17.20 0.56 -2.44
C ALA A 185 -18.37 -0.42 -2.38
N ASP A 186 -18.19 -1.49 -1.62
CA ASP A 186 -19.20 -2.53 -1.50
C ASP A 186 -20.25 -2.24 -0.44
N THR A 187 -19.85 -1.47 0.57
CA THR A 187 -20.79 -0.95 1.56
C THR A 187 -20.35 0.48 1.88
N ILE A 188 -21.25 1.26 2.45
CA ILE A 188 -20.84 2.53 3.02
C ILE A 188 -21.36 2.60 4.45
N MET A 189 -20.74 3.45 5.25
CA MET A 189 -21.34 3.85 6.50
C MET A 189 -21.50 5.37 6.51
N ASP A 190 -22.62 5.81 7.05
CA ASP A 190 -22.89 7.24 7.25
C ASP A 190 -22.56 7.56 8.71
N LEU A 191 -21.37 8.12 8.93
CA LEU A 191 -20.88 8.39 10.28
C LEU A 191 -21.10 9.85 10.72
N SER A 192 -22.16 10.47 10.22
CA SER A 192 -22.41 11.89 10.49
C SER A 192 -22.51 12.21 11.99
N THR A 193 -21.87 13.30 12.38
CA THR A 193 -21.88 13.76 13.76
C THR A 193 -22.25 15.25 13.87
N GLY A 194 -22.71 15.84 12.79
CA GLY A 194 -23.05 17.25 12.83
C GLY A 194 -24.54 17.50 12.91
N ARG A 195 -24.99 18.41 12.05
CA ARG A 195 -26.38 18.80 11.95
C ARG A 195 -27.07 17.97 10.89
N HIS A 196 -28.40 17.85 11.01
CA HIS A 196 -29.24 17.20 10.01
C HIS A 196 -28.93 15.71 9.81
N ILE A 197 -28.62 15.02 10.90
CA ILE A 197 -28.19 13.62 10.80
C ILE A 197 -29.29 12.76 10.20
N HIS A 198 -30.52 12.89 10.70
CA HIS A 198 -31.60 12.07 10.19
C HIS A 198 -31.82 12.32 8.71
N GLU A 199 -31.84 13.60 8.31
CA GLU A 199 -32.02 13.96 6.90
C GLU A 199 -30.94 13.42 6.01
N THR A 200 -29.69 13.65 6.41
CA THR A 200 -28.54 13.23 5.63
C THR A 200 -28.61 11.73 5.35
N ARG A 201 -28.92 10.96 6.38
CA ARG A 201 -28.97 9.51 6.23
C ARG A 201 -30.12 9.09 5.32
N GLU A 202 -31.24 9.81 5.40
CA GLU A 202 -32.39 9.51 4.55
C GLU A 202 -32.01 9.66 3.07
N TRP A 203 -31.40 10.78 2.73
CA TRP A 203 -30.95 11.04 1.37
C TRP A 203 -30.05 9.90 0.89
N ILE A 204 -29.13 9.51 1.77
CA ILE A 204 -28.15 8.48 1.42
C ILE A 204 -28.83 7.13 1.20
N LEU A 205 -29.69 6.71 2.12
CA LEU A 205 -30.37 5.43 2.00
C LEU A 205 -31.21 5.32 0.74
N ARG A 206 -31.94 6.38 0.40
CA ARG A 206 -32.85 6.32 -0.73
C ARG A 206 -32.07 6.38 -2.03
N ASN A 207 -30.81 6.82 -1.96
CA ASN A 207 -29.96 6.88 -3.14
C ASN A 207 -28.72 5.95 -3.12
N SER A 208 -28.71 4.95 -2.24
CA SER A 208 -27.60 3.98 -2.22
C SER A 208 -28.07 2.58 -2.62
N ALA A 209 -27.40 1.98 -3.59
CA ALA A 209 -27.71 0.61 -3.97
C ALA A 209 -26.87 -0.41 -3.18
N VAL A 210 -25.98 0.07 -2.31
CA VAL A 210 -25.16 -0.81 -1.48
C VAL A 210 -25.64 -0.71 -0.03
N PRO A 211 -25.28 -1.71 0.82
CA PRO A 211 -25.69 -1.62 2.23
C PRO A 211 -25.13 -0.37 2.90
N VAL A 212 -25.94 0.21 3.78
CA VAL A 212 -25.57 1.39 4.55
C VAL A 212 -25.52 1.04 6.03
N GLY A 213 -24.39 1.31 6.68
CA GLY A 213 -24.25 1.09 8.10
C GLY A 213 -24.18 2.40 8.85
N THR A 214 -24.48 2.34 10.15
CA THR A 214 -24.31 3.46 11.05
C THR A 214 -23.73 3.01 12.37
N VAL A 215 -23.34 4.00 13.17
CA VAL A 215 -23.02 3.82 14.57
C VAL A 215 -24.05 4.59 15.39
N PRO A 216 -25.14 3.91 15.82
CA PRO A 216 -26.27 4.55 16.51
C PRO A 216 -25.89 5.47 17.68
N ILE A 217 -24.81 5.18 18.40
CA ILE A 217 -24.49 5.98 19.57
C ILE A 217 -24.10 7.41 19.16
N TYR A 218 -23.66 7.62 17.92
CA TYR A 218 -23.28 8.97 17.47
C TYR A 218 -24.50 9.89 17.52
N GLN A 219 -25.60 9.45 16.93
CA GLN A 219 -26.78 10.32 16.89
C GLN A 219 -27.41 10.41 18.28
N ALA A 220 -27.32 9.34 19.06
CA ALA A 220 -27.82 9.35 20.43
C ALA A 220 -27.10 10.45 21.21
N LEU A 221 -25.79 10.54 21.04
CA LEU A 221 -25.03 11.59 21.71
C LEU A 221 -25.44 12.97 21.17
N GLU A 222 -25.61 13.09 19.86
CA GLU A 222 -26.04 14.34 19.26
C GLU A 222 -27.38 14.81 19.84
N LYS A 223 -28.26 13.86 20.16
CA LYS A 223 -29.58 14.16 20.72
C LYS A 223 -29.53 14.69 22.15
N VAL A 224 -28.51 14.28 22.90
CA VAL A 224 -28.34 14.81 24.25
C VAL A 224 -27.25 15.90 24.25
N ASP A 225 -27.13 16.58 23.11
CA ASP A 225 -26.28 17.77 22.99
C ASP A 225 -24.81 17.54 23.27
N GLY A 226 -24.30 16.37 22.88
CA GLY A 226 -22.89 16.06 23.02
C GLY A 226 -22.44 15.81 24.45
N ILE A 227 -23.41 15.64 25.35
CA ILE A 227 -23.11 15.36 26.75
C ILE A 227 -23.30 13.87 27.06
N ALA A 228 -22.19 13.15 27.19
CA ALA A 228 -22.24 11.69 27.29
C ALA A 228 -22.92 11.21 28.56
N GLU A 229 -22.75 11.97 29.64
CA GLU A 229 -23.39 11.66 30.92
C GLU A 229 -24.91 11.65 30.83
N ASN A 230 -25.48 12.25 29.79
CA ASN A 230 -26.92 12.29 29.62
C ASN A 230 -27.47 11.19 28.72
N LEU A 231 -26.59 10.30 28.26
CA LEU A 231 -27.02 9.12 27.52
C LEU A 231 -27.68 8.12 28.46
N ASN A 232 -28.59 7.32 27.91
CA ASN A 232 -29.21 6.22 28.63
C ASN A 232 -29.80 5.25 27.63
N TRP A 233 -30.35 4.14 28.11
CA TRP A 233 -30.91 3.15 27.21
C TRP A 233 -32.10 3.68 26.42
N GLU A 234 -32.99 4.44 27.07
CA GLU A 234 -34.17 4.99 26.40
C GLU A 234 -33.83 5.76 25.11
N VAL A 235 -32.90 6.70 25.20
CA VAL A 235 -32.52 7.50 24.03
C VAL A 235 -31.79 6.65 22.98
N PHE A 236 -30.98 5.71 23.44
CA PHE A 236 -30.29 4.80 22.53
C PHE A 236 -31.29 3.93 21.80
N ARG A 237 -32.22 3.33 22.55
CA ARG A 237 -33.26 2.49 21.94
C ARG A 237 -34.10 3.26 20.91
N GLU A 238 -34.48 4.49 21.25
CA GLU A 238 -35.24 5.34 20.34
C GLU A 238 -34.48 5.56 19.02
N THR A 239 -33.17 5.76 19.16
CA THR A 239 -32.30 5.95 18.00
C THR A 239 -32.21 4.68 17.14
N LEU A 240 -32.10 3.50 17.78
CA LEU A 240 -32.06 2.23 17.04
C LEU A 240 -33.30 2.05 16.21
N ILE A 241 -34.45 2.39 16.76
CA ILE A 241 -35.71 2.20 16.03
C ILE A 241 -35.81 3.20 14.89
N GLU A 242 -35.46 4.45 15.16
CA GLU A 242 -35.45 5.49 14.11
C GLU A 242 -34.63 5.04 12.89
N GLN A 243 -33.40 4.61 13.15
CA GLN A 243 -32.47 4.26 12.08
C GLN A 243 -32.90 2.96 11.39
N ALA A 244 -33.39 1.99 12.18
CA ALA A 244 -33.93 0.76 11.61
C ALA A 244 -35.12 1.03 10.69
N GLU A 245 -36.01 1.93 11.10
CA GLU A 245 -37.17 2.26 10.27
C GLU A 245 -36.76 2.90 8.94
N GLN A 246 -35.68 3.67 8.95
CA GLN A 246 -35.16 4.28 7.72
C GLN A 246 -34.62 3.23 6.75
N GLY A 247 -34.07 2.14 7.28
CA GLY A 247 -33.50 1.11 6.44
C GLY A 247 -32.02 0.83 6.63
N VAL A 248 -31.42 1.36 7.69
CA VAL A 248 -30.00 1.10 7.96
C VAL A 248 -29.75 -0.42 8.00
N ASP A 249 -28.75 -0.90 7.24
CA ASP A 249 -28.57 -2.35 7.07
C ASP A 249 -27.73 -3.00 8.15
N TYR A 250 -26.87 -2.22 8.78
CA TYR A 250 -26.13 -2.72 9.91
C TYR A 250 -25.74 -1.61 10.88
N PHE A 251 -25.67 -2.01 12.14
CA PHE A 251 -25.31 -1.16 13.27
C PHE A 251 -23.96 -1.59 13.85
N THR A 252 -23.04 -0.65 14.00
CA THR A 252 -21.87 -0.85 14.83
C THR A 252 -22.25 -0.52 16.26
N ILE A 253 -22.14 -1.50 17.16
CA ILE A 253 -22.53 -1.27 18.56
C ILE A 253 -21.41 -1.76 19.47
N HIS A 254 -20.92 -0.86 20.32
CA HIS A 254 -19.72 -1.14 21.12
C HIS A 254 -20.07 -1.79 22.46
N ALA A 255 -20.84 -2.86 22.40
CA ALA A 255 -21.29 -3.54 23.63
C ALA A 255 -20.18 -4.33 24.33
N GLY A 256 -19.00 -4.41 23.71
CA GLY A 256 -17.89 -5.10 24.33
C GLY A 256 -17.00 -4.19 25.18
N VAL A 257 -17.32 -2.91 25.23
CA VAL A 257 -16.54 -1.99 26.06
C VAL A 257 -17.07 -2.06 27.49
N LEU A 258 -16.64 -3.08 28.20
CA LEU A 258 -17.14 -3.33 29.56
C LEU A 258 -16.46 -2.42 30.57
N LEU A 259 -17.20 -2.08 31.63
CA LEU A 259 -16.67 -1.26 32.72
C LEU A 259 -15.31 -1.73 33.23
N ARG A 260 -15.14 -3.04 33.40
CA ARG A 260 -13.90 -3.57 33.98
C ARG A 260 -12.72 -3.57 33.02
N TYR A 261 -12.97 -3.34 31.74
CA TYR A 261 -11.90 -3.27 30.75
C TYR A 261 -11.28 -1.87 30.65
N ILE A 262 -12.03 -0.86 31.09
CA ILE A 262 -11.57 0.53 30.95
C ILE A 262 -10.23 0.84 31.65
N PRO A 263 -10.01 0.32 32.88
CA PRO A 263 -8.68 0.54 33.49
C PRO A 263 -7.53 -0.02 32.67
N LEU A 264 -7.79 -1.07 31.89
CA LEU A 264 -6.77 -1.63 31.00
C LEU A 264 -6.26 -0.61 29.95
N THR A 265 -6.97 0.49 29.76
CA THR A 265 -6.53 1.49 28.77
C THR A 265 -5.65 2.58 29.39
N ALA A 266 -5.46 2.52 30.70
CA ALA A 266 -4.80 3.62 31.42
C ALA A 266 -3.37 3.91 30.95
N LYS A 267 -2.64 2.85 30.60
CA LYS A 267 -1.24 3.00 30.20
C LYS A 267 -1.04 2.97 28.70
N ARG A 268 -2.12 3.12 27.94
CA ARG A 268 -2.00 3.16 26.49
C ARG A 268 -1.41 4.48 26.00
N LEU A 269 -0.63 4.43 24.91
CA LEU A 269 -0.05 5.63 24.33
C LEU A 269 -1.09 6.56 23.68
N THR A 270 -2.08 6.00 23.00
CA THR A 270 -3.08 6.83 22.34
C THR A 270 -4.49 6.59 22.89
N GLY A 271 -4.58 5.94 24.04
CA GLY A 271 -5.83 5.77 24.78
C GLY A 271 -6.92 5.00 24.05
N ILE A 272 -8.14 5.51 24.16
CA ILE A 272 -9.27 4.94 23.44
C ILE A 272 -9.54 5.78 22.19
N VAL A 273 -9.27 5.25 21.01
CA VAL A 273 -9.43 6.05 19.79
C VAL A 273 -10.74 5.80 19.07
N SER A 274 -11.45 4.76 19.50
CA SER A 274 -12.78 4.51 18.96
C SER A 274 -13.69 5.65 19.40
N ARG A 275 -14.42 6.24 18.46
CA ARG A 275 -15.37 7.30 18.79
C ARG A 275 -16.47 6.73 19.69
N GLY A 276 -17.18 5.73 19.20
CA GLY A 276 -18.22 5.05 19.97
C GLY A 276 -17.73 4.49 21.29
N GLY A 277 -16.57 3.84 21.26
CA GLY A 277 -16.03 3.23 22.46
C GLY A 277 -15.66 4.23 23.55
N SER A 278 -15.13 5.36 23.14
CA SER A 278 -14.75 6.38 24.13
C SER A 278 -16.01 6.97 24.77
N ILE A 279 -17.08 7.09 23.99
CA ILE A 279 -18.35 7.59 24.50
C ILE A 279 -18.95 6.63 25.55
N HIS A 280 -19.01 5.34 25.21
CA HIS A 280 -19.48 4.34 26.16
C HIS A 280 -18.64 4.28 27.43
N ALA A 281 -17.32 4.36 27.27
CA ALA A 281 -16.41 4.26 28.41
C ALA A 281 -16.61 5.44 29.36
N LYS A 282 -16.74 6.64 28.80
CA LYS A 282 -16.96 7.84 29.61
C LYS A 282 -18.26 7.72 30.42
N TRP A 283 -19.32 7.27 29.78
CA TRP A 283 -20.59 7.01 30.45
C TRP A 283 -20.44 5.99 31.57
N CYS A 284 -19.70 4.92 31.31
CA CYS A 284 -19.50 3.86 32.29
C CYS A 284 -18.79 4.36 33.56
N LEU A 285 -17.69 5.09 33.37
CA LEU A 285 -16.97 5.65 34.52
C LEU A 285 -17.79 6.68 35.30
N ALA A 286 -18.53 7.52 34.58
CA ALA A 286 -19.36 8.55 35.20
C ALA A 286 -20.36 7.97 36.21
N TYR A 287 -20.86 6.78 35.92
CA TYR A 287 -21.90 6.18 36.75
C TYR A 287 -21.43 4.93 37.47
N HIS A 288 -20.22 4.47 37.14
CA HIS A 288 -19.72 3.18 37.60
C HIS A 288 -20.73 2.08 37.33
N LYS A 289 -21.35 2.17 36.17
CA LYS A 289 -22.33 1.19 35.71
C LYS A 289 -21.81 0.43 34.50
N GLU A 290 -22.35 -0.77 34.28
CA GLU A 290 -21.99 -1.58 33.13
C GLU A 290 -22.56 -0.99 31.85
N ASN A 291 -21.80 -1.13 30.77
CA ASN A 291 -22.19 -0.71 29.41
C ASN A 291 -23.66 -1.00 29.11
N PHE A 292 -24.46 0.03 28.83
CA PHE A 292 -25.91 -0.21 28.74
C PHE A 292 -26.30 -0.96 27.46
N ALA A 293 -25.42 -0.93 26.44
CA ALA A 293 -25.64 -1.73 25.25
C ALA A 293 -25.37 -3.20 25.56
N TYR A 294 -24.38 -3.47 26.39
CA TYR A 294 -24.13 -4.85 26.84
C TYR A 294 -25.31 -5.32 27.70
N GLU A 295 -25.69 -4.50 28.67
CA GLU A 295 -26.79 -4.86 29.56
C GLU A 295 -28.09 -5.10 28.80
N HIS A 296 -28.32 -4.36 27.71
CA HIS A 296 -29.56 -4.54 26.94
C HIS A 296 -29.36 -5.29 25.62
N TRP A 297 -28.29 -6.08 25.54
CA TRP A 297 -28.01 -6.83 24.32
C TRP A 297 -29.23 -7.61 23.79
N ASP A 298 -29.92 -8.33 24.68
CA ASP A 298 -31.11 -9.10 24.30
C ASP A 298 -32.20 -8.22 23.67
N ASP A 299 -32.44 -7.06 24.28
CA ASP A 299 -33.40 -6.09 23.76
C ASP A 299 -33.01 -5.58 22.36
N ILE A 300 -31.71 -5.39 22.15
CA ILE A 300 -31.19 -4.94 20.86
C ILE A 300 -31.45 -6.01 19.80
N LEU A 301 -31.15 -7.27 20.15
CA LEU A 301 -31.39 -8.40 19.26
C LEU A 301 -32.85 -8.53 18.83
N ASP A 302 -33.76 -8.28 19.78
CA ASP A 302 -35.19 -8.36 19.50
C ASP A 302 -35.65 -7.30 18.49
N ILE A 303 -34.98 -6.16 18.49
CA ILE A 303 -35.17 -5.16 17.44
C ILE A 303 -34.60 -5.61 16.11
N CYS A 304 -33.33 -6.02 16.13
CA CYS A 304 -32.64 -6.37 14.89
C CYS A 304 -33.25 -7.53 14.12
N ASN A 305 -33.84 -8.52 14.80
CA ASN A 305 -34.33 -9.67 14.04
C ASN A 305 -35.73 -9.46 13.47
N GLN A 306 -36.32 -8.32 13.76
CA GLN A 306 -37.58 -7.94 13.12
C GLN A 306 -37.39 -7.15 11.82
N TYR A 307 -36.28 -6.44 11.69
CA TYR A 307 -35.97 -5.66 10.49
C TYR A 307 -34.93 -6.31 9.59
N ASP A 308 -34.23 -7.29 10.15
CA ASP A 308 -32.93 -7.76 9.64
C ASP A 308 -31.90 -6.62 9.57
N VAL A 309 -31.57 -6.06 10.73
CA VAL A 309 -30.38 -5.22 10.83
C VAL A 309 -29.25 -6.12 11.31
N ALA A 310 -28.16 -6.19 10.56
CA ALA A 310 -27.00 -6.94 11.02
C ALA A 310 -26.29 -6.15 12.10
N LEU A 311 -25.62 -6.87 12.99
CA LEU A 311 -24.85 -6.23 14.03
C LEU A 311 -23.37 -6.38 13.74
N SER A 312 -22.71 -5.24 13.69
CA SER A 312 -21.27 -5.17 13.55
C SER A 312 -20.72 -4.90 14.94
N ILE A 313 -20.26 -5.93 15.63
CA ILE A 313 -19.87 -5.73 17.02
C ILE A 313 -18.56 -4.94 17.06
N GLY A 314 -18.67 -3.70 17.56
CA GLY A 314 -17.59 -2.75 17.46
C GLY A 314 -16.38 -3.12 18.27
N ASP A 315 -15.23 -2.54 17.95
CA ASP A 315 -14.07 -2.76 18.80
C ASP A 315 -13.59 -1.42 19.37
N GLY A 316 -14.27 -1.03 20.45
CA GLY A 316 -14.01 0.22 21.12
C GLY A 316 -12.63 0.31 21.73
N LEU A 317 -12.00 -0.84 21.94
CA LEU A 317 -10.67 -0.87 22.53
C LEU A 317 -9.62 -1.24 21.50
N ARG A 318 -9.87 -0.91 20.25
CA ARG A 318 -8.88 -1.16 19.21
C ARG A 318 -7.66 -0.26 19.45
N PRO A 319 -6.47 -0.73 19.04
CA PRO A 319 -5.25 0.06 19.23
C PRO A 319 -5.18 1.25 18.27
N GLY A 320 -4.82 2.42 18.79
CA GLY A 320 -4.76 3.61 17.96
C GLY A 320 -3.33 4.02 17.64
N SER A 321 -2.40 3.16 18.02
CA SER A 321 -0.97 3.32 17.75
C SER A 321 -0.31 1.95 17.68
N ILE A 322 0.82 1.87 16.99
CA ILE A 322 1.63 0.64 16.99
C ILE A 322 1.94 0.18 18.42
N TYR A 323 2.23 1.16 19.27
CA TYR A 323 2.56 0.91 20.68
C TYR A 323 1.50 0.06 21.39
N ASP A 324 0.23 0.35 21.11
CA ASP A 324 -0.89 -0.27 21.80
C ASP A 324 -1.37 -1.55 21.13
N ALA A 325 -0.74 -1.94 20.02
CA ALA A 325 -1.20 -3.09 19.24
C ALA A 325 -1.19 -4.40 20.04
N ASN A 326 -2.28 -5.15 19.92
CA ASN A 326 -2.42 -6.47 20.54
C ASN A 326 -2.23 -6.43 22.06
N ASP A 327 -2.67 -5.35 22.69
CA ASP A 327 -2.51 -5.24 24.15
C ASP A 327 -3.68 -5.92 24.88
N THR A 328 -3.62 -5.94 26.20
CA THR A 328 -4.57 -6.71 26.99
C THR A 328 -6.02 -6.21 26.79
N ALA A 329 -6.18 -4.89 26.74
CA ALA A 329 -7.50 -4.29 26.55
C ALA A 329 -8.14 -4.75 25.24
N GLN A 330 -7.35 -4.77 24.16
CA GLN A 330 -7.90 -5.13 22.86
C GLN A 330 -8.43 -6.56 22.87
N PHE A 331 -7.68 -7.47 23.49
CA PHE A 331 -8.04 -8.87 23.40
C PHE A 331 -9.07 -9.21 24.46
N ALA A 332 -9.19 -8.37 25.49
CA ALA A 332 -10.28 -8.56 26.47
C ALA A 332 -11.60 -8.31 25.76
N GLU A 333 -11.66 -7.24 24.97
CA GLU A 333 -12.87 -6.94 24.21
C GLU A 333 -13.18 -8.05 23.19
N LEU A 334 -12.15 -8.57 22.52
CA LEU A 334 -12.33 -9.58 21.47
C LEU A 334 -13.00 -10.81 22.05
N LEU A 335 -12.61 -11.18 23.26
CA LEU A 335 -13.22 -12.32 23.93
C LEU A 335 -14.73 -12.08 24.12
N THR A 336 -15.07 -10.90 24.60
CA THR A 336 -16.46 -10.52 24.79
C THR A 336 -17.22 -10.40 23.46
N GLN A 337 -16.53 -9.97 22.40
CA GLN A 337 -17.17 -9.93 21.07
C GLN A 337 -17.66 -11.32 20.69
N GLY A 338 -16.85 -12.33 20.99
CA GLY A 338 -17.22 -13.71 20.71
C GLY A 338 -18.47 -14.14 21.47
N GLU A 339 -18.58 -13.73 22.73
CA GLU A 339 -19.74 -14.03 23.56
C GLU A 339 -21.00 -13.43 22.97
N LEU A 340 -20.92 -12.15 22.61
CA LEU A 340 -22.03 -11.42 22.02
C LEU A 340 -22.44 -12.00 20.68
N THR A 341 -21.47 -12.42 19.89
CA THR A 341 -21.72 -13.08 18.61
C THR A 341 -22.59 -14.32 18.80
N ARG A 342 -22.20 -15.18 19.73
CA ARG A 342 -22.95 -16.42 19.93
C ARG A 342 -24.37 -16.13 20.41
N ARG A 343 -24.51 -15.13 21.27
CA ARG A 343 -25.82 -14.74 21.79
C ARG A 343 -26.71 -14.18 20.67
N ALA A 344 -26.11 -13.44 19.74
CA ALA A 344 -26.85 -12.87 18.63
C ALA A 344 -27.35 -13.98 17.71
N TRP A 345 -26.51 -14.99 17.48
CA TRP A 345 -26.87 -16.11 16.63
C TRP A 345 -28.07 -16.87 17.19
N GLU A 346 -28.16 -16.94 18.51
CA GLU A 346 -29.30 -17.61 19.12
C GLU A 346 -30.62 -16.93 18.74
N LYS A 347 -30.56 -15.65 18.40
CA LYS A 347 -31.74 -14.88 18.04
C LYS A 347 -31.82 -14.65 16.53
N ASP A 348 -30.97 -15.36 15.79
CA ASP A 348 -30.88 -15.34 14.33
C ASP A 348 -30.53 -13.95 13.80
N VAL A 349 -29.79 -13.18 14.59
CA VAL A 349 -29.25 -11.90 14.15
C VAL A 349 -27.91 -12.11 13.45
N GLN A 350 -27.76 -11.58 12.23
CA GLN A 350 -26.50 -11.69 11.48
C GLN A 350 -25.43 -10.82 12.15
N VAL A 351 -24.21 -11.32 12.19
CA VAL A 351 -23.13 -10.67 12.92
C VAL A 351 -21.82 -10.62 12.14
N MET A 352 -21.14 -9.47 12.18
CA MET A 352 -19.70 -9.46 11.88
C MET A 352 -18.98 -8.78 13.04
N ASN A 353 -17.67 -9.00 13.16
CA ASN A 353 -16.91 -8.47 14.31
C ASN A 353 -15.95 -7.42 13.82
N GLU A 354 -15.86 -6.30 14.52
CA GLU A 354 -14.93 -5.26 14.06
C GLU A 354 -13.55 -5.49 14.67
N GLY A 355 -12.51 -5.22 13.90
CA GLY A 355 -11.14 -5.41 14.35
C GLY A 355 -10.26 -4.17 14.13
N PRO A 356 -8.96 -4.31 14.42
CA PRO A 356 -7.99 -3.21 14.46
C PRO A 356 -7.80 -2.59 13.08
N GLY A 357 -7.25 -1.38 12.97
CA GLY A 357 -6.60 -0.65 14.03
C GLY A 357 -5.16 -0.37 13.58
N HIS A 358 -4.29 0.02 14.49
CA HIS A 358 -2.88 0.21 14.17
C HIS A 358 -2.16 -1.05 14.63
N VAL A 359 -1.60 -1.80 13.69
CA VAL A 359 -0.95 -3.09 14.00
C VAL A 359 0.24 -3.31 13.09
N PRO A 360 1.44 -3.47 13.67
CA PRO A 360 2.62 -3.76 12.84
C PRO A 360 2.50 -5.15 12.20
N MET A 361 3.16 -5.34 11.06
CA MET A 361 2.90 -6.51 10.23
C MET A 361 3.11 -7.86 10.95
N HIS A 362 4.09 -7.93 11.84
CA HIS A 362 4.36 -9.20 12.51
C HIS A 362 3.31 -9.56 13.56
N LYS A 363 2.46 -8.60 13.94
CA LYS A 363 1.38 -8.86 14.90
C LYS A 363 0.01 -9.09 14.24
N ILE A 364 -0.05 -8.96 12.92
CA ILE A 364 -1.31 -9.18 12.21
C ILE A 364 -1.84 -10.64 12.28
N PRO A 365 -0.97 -11.66 12.12
CA PRO A 365 -1.50 -13.03 12.12
C PRO A 365 -2.19 -13.44 13.43
N GLU A 366 -1.66 -12.99 14.56
CA GLU A 366 -2.29 -13.26 15.85
C GLU A 366 -3.71 -12.70 15.90
N ASN A 367 -3.90 -11.52 15.31
CA ASN A 367 -5.24 -10.95 15.26
C ASN A 367 -6.26 -11.83 14.53
N MET A 368 -5.86 -12.38 13.39
CA MET A 368 -6.79 -13.20 12.62
C MET A 368 -7.04 -14.51 13.34
N GLN A 369 -5.98 -15.12 13.85
CA GLN A 369 -6.10 -16.45 14.49
C GLN A 369 -7.03 -16.41 15.69
N LYS A 370 -6.88 -15.39 16.53
N LYS A 370 -6.90 -15.38 16.52
CA LYS A 370 -7.72 -15.27 17.71
CA LYS A 370 -7.72 -15.29 17.71
C LYS A 370 -9.18 -14.99 17.37
C LYS A 370 -9.19 -14.97 17.38
N GLN A 371 -9.42 -14.15 16.35
CA GLN A 371 -10.80 -13.84 15.97
C GLN A 371 -11.49 -15.06 15.39
N LEU A 372 -10.77 -15.80 14.54
CA LEU A 372 -11.35 -16.99 13.91
C LEU A 372 -11.81 -17.98 14.96
N GLU A 373 -11.00 -18.16 15.99
CA GLU A 373 -11.31 -19.13 17.03
C GLU A 373 -12.33 -18.58 18.02
N TRP A 374 -12.04 -17.41 18.59
CA TRP A 374 -12.87 -16.89 19.68
C TRP A 374 -14.25 -16.42 19.21
N CYS A 375 -14.39 -16.14 17.92
CA CYS A 375 -15.65 -15.60 17.42
C CYS A 375 -16.31 -16.57 16.45
N ASN A 376 -15.81 -17.80 16.44
CA ASN A 376 -16.40 -18.90 15.69
C ASN A 376 -16.60 -18.56 14.22
N GLU A 377 -15.58 -17.95 13.62
CA GLU A 377 -15.54 -17.69 12.18
C GLU A 377 -16.60 -16.72 11.66
N ALA A 378 -17.18 -15.91 12.55
CA ALA A 378 -17.99 -14.77 12.12
C ALA A 378 -17.13 -13.86 11.21
N PRO A 379 -17.75 -13.21 10.21
CA PRO A 379 -16.97 -12.35 9.32
C PRO A 379 -16.25 -11.26 10.12
N PHE A 380 -15.02 -10.96 9.71
CA PHE A 380 -14.16 -10.02 10.40
C PHE A 380 -14.12 -8.75 9.56
N TYR A 381 -14.13 -7.61 10.23
CA TYR A 381 -14.29 -6.31 9.59
C TYR A 381 -13.22 -5.37 10.15
N THR A 382 -12.15 -5.13 9.40
CA THR A 382 -10.99 -4.40 9.94
C THR A 382 -10.86 -2.94 9.42
N LEU A 383 -10.28 -2.07 10.25
CA LEU A 383 -9.93 -0.71 9.86
C LEU A 383 -8.44 -0.68 9.52
N GLY A 384 -8.12 -0.97 8.27
CA GLY A 384 -6.74 -1.25 7.93
C GLY A 384 -6.45 -2.73 8.10
N PRO A 385 -5.48 -3.08 8.97
CA PRO A 385 -4.77 -2.19 9.89
C PRO A 385 -3.65 -1.32 9.27
N LEU A 386 -3.44 -0.16 9.87
CA LEU A 386 -2.25 0.64 9.57
C LEU A 386 -1.00 -0.02 10.13
N THR A 387 0.02 -0.18 9.30
CA THR A 387 1.20 -0.94 9.70
C THR A 387 2.31 -0.06 10.27
N THR A 388 2.08 1.25 10.33
CA THR A 388 3.05 2.18 10.91
C THR A 388 2.37 3.52 11.12
N ASP A 389 2.84 4.30 12.10
CA ASP A 389 2.21 5.58 12.45
C ASP A 389 2.89 6.78 11.77
N ILE A 390 3.94 6.55 10.98
CA ILE A 390 4.83 7.65 10.60
C ILE A 390 4.37 8.52 9.43
N ALA A 391 3.28 8.17 8.75
CA ALA A 391 3.00 8.89 7.50
C ALA A 391 1.58 9.45 7.36
N PRO A 392 1.15 10.31 8.30
CA PRO A 392 -0.15 10.95 8.07
C PRO A 392 -0.15 11.74 6.76
N GLY A 393 -1.23 11.63 6.01
CA GLY A 393 -1.28 12.14 4.65
C GLY A 393 -1.24 10.99 3.66
N TYR A 394 -0.78 9.84 4.14
CA TYR A 394 -0.58 8.66 3.30
C TYR A 394 -1.10 7.38 3.98
N ASP A 395 -2.07 7.54 4.86
CA ASP A 395 -2.52 6.39 5.63
C ASP A 395 -3.38 5.43 4.82
N HIS A 396 -3.75 5.81 3.60
CA HIS A 396 -4.38 4.85 2.72
C HIS A 396 -3.33 3.85 2.24
N ILE A 397 -2.06 4.26 2.21
CA ILE A 397 -0.99 3.33 1.82
C ILE A 397 -0.47 2.48 2.99
N THR A 398 -0.18 3.11 4.13
CA THR A 398 0.22 2.38 5.34
C THR A 398 -0.81 1.30 5.71
N SER A 399 -2.09 1.60 5.49
CA SER A 399 -3.13 0.64 5.86
C SER A 399 -3.47 -0.35 4.72
N ALA A 400 -3.20 0.03 3.47
CA ALA A 400 -3.38 -0.91 2.36
C ALA A 400 -2.51 -2.14 2.55
N ILE A 401 -1.30 -1.93 3.07
CA ILE A 401 -0.40 -3.04 3.38
C ILE A 401 -1.05 -4.00 4.38
N GLY A 402 -1.54 -3.44 5.48
CA GLY A 402 -2.15 -4.25 6.53
C GLY A 402 -3.46 -4.88 6.08
N ALA A 403 -4.27 -4.10 5.36
CA ALA A 403 -5.55 -4.61 4.84
C ALA A 403 -5.35 -5.79 3.89
N ALA A 404 -4.36 -5.70 3.00
CA ALA A 404 -4.08 -6.80 2.08
C ALA A 404 -3.64 -8.03 2.87
N ASN A 405 -2.74 -7.82 3.83
CA ASN A 405 -2.24 -8.96 4.61
C ASN A 405 -3.33 -9.65 5.42
N ILE A 406 -4.18 -8.86 6.09
CA ILE A 406 -5.16 -9.47 6.96
C ILE A 406 -6.33 -9.99 6.10
N GLY A 407 -6.52 -9.38 4.92
CA GLY A 407 -7.44 -9.90 3.92
C GLY A 407 -7.02 -11.29 3.43
N ALA A 408 -5.72 -11.45 3.19
CA ALA A 408 -5.20 -12.75 2.73
C ALA A 408 -5.46 -13.84 3.77
N LEU A 409 -5.49 -13.46 5.04
CA LEU A 409 -5.69 -14.38 6.15
C LEU A 409 -7.16 -14.71 6.43
N GLY A 410 -8.08 -13.97 5.82
CA GLY A 410 -9.49 -14.33 5.90
C GLY A 410 -10.45 -13.21 6.24
N THR A 411 -9.95 -11.98 6.38
CA THR A 411 -10.81 -10.85 6.75
C THR A 411 -11.78 -10.60 5.60
N ALA A 412 -13.08 -10.45 5.91
CA ALA A 412 -14.11 -10.45 4.88
C ALA A 412 -14.47 -9.04 4.37
N LEU A 413 -14.36 -8.06 5.26
CA LEU A 413 -14.71 -6.68 4.91
C LEU A 413 -13.60 -5.75 5.37
N LEU A 414 -13.06 -4.94 4.45
CA LEU A 414 -11.97 -4.03 4.78
C LEU A 414 -12.53 -2.61 4.86
N CYS A 415 -12.49 -2.01 6.03
CA CYS A 415 -12.92 -0.62 6.12
C CYS A 415 -11.80 0.29 5.62
N TYR A 416 -12.11 1.17 4.69
CA TYR A 416 -11.02 1.93 4.07
C TYR A 416 -10.47 2.98 5.04
N VAL A 417 -9.35 3.55 4.64
CA VAL A 417 -8.69 4.63 5.35
C VAL A 417 -8.27 5.60 4.26
N THR A 418 -8.58 6.88 4.41
CA THR A 418 -8.27 7.83 3.34
C THR A 418 -6.96 8.56 3.62
N PRO A 419 -6.42 9.30 2.63
CA PRO A 419 -5.27 10.18 2.91
C PRO A 419 -5.50 11.20 4.04
N LYS A 420 -6.75 11.47 4.42
CA LYS A 420 -7.01 12.46 5.46
C LYS A 420 -7.14 11.89 6.87
N GLU A 421 -6.96 10.58 7.02
CA GLU A 421 -6.98 9.94 8.34
C GLU A 421 -6.02 10.66 9.29
N HIS A 422 -6.49 10.90 10.52
CA HIS A 422 -5.79 11.62 11.58
C HIS A 422 -5.60 13.10 11.29
N LEU A 423 -6.17 13.59 10.21
CA LEU A 423 -5.94 14.98 9.80
C LEU A 423 -7.21 15.82 9.66
N GLY A 424 -8.28 15.21 9.16
CA GLY A 424 -9.54 15.94 9.00
C GLY A 424 -10.53 15.16 8.17
N LEU A 425 -11.70 15.75 7.95
CA LEU A 425 -12.77 15.08 7.23
C LEU A 425 -12.42 14.90 5.76
N PRO A 426 -12.48 13.65 5.26
CA PRO A 426 -12.16 13.41 3.85
C PRO A 426 -13.12 14.12 2.91
N ASN A 427 -12.62 14.64 1.79
CA ASN A 427 -13.48 15.16 0.74
C ASN A 427 -13.65 14.12 -0.35
N ARG A 428 -14.35 14.50 -1.41
CA ARG A 428 -14.67 13.59 -2.50
C ARG A 428 -13.42 12.96 -3.14
N ASP A 429 -12.34 13.74 -3.26
CA ASP A 429 -11.09 13.19 -3.84
C ASP A 429 -10.49 12.16 -2.90
N ASP A 430 -10.57 12.44 -1.59
CA ASP A 430 -10.04 11.52 -0.58
C ASP A 430 -10.84 10.21 -0.55
N VAL A 431 -12.16 10.30 -0.70
CA VAL A 431 -13.02 9.12 -0.78
C VAL A 431 -12.61 8.23 -1.96
N LYS A 432 -12.37 8.82 -3.13
CA LYS A 432 -11.93 7.99 -4.27
C LYS A 432 -10.56 7.32 -4.04
N ALA A 433 -9.63 8.09 -3.49
CA ALA A 433 -8.28 7.58 -3.21
C ALA A 433 -8.38 6.39 -2.28
N GLY A 434 -9.21 6.51 -1.26
CA GLY A 434 -9.35 5.44 -0.30
C GLY A 434 -9.97 4.21 -0.90
N VAL A 435 -11.03 4.41 -1.69
CA VAL A 435 -11.68 3.27 -2.33
C VAL A 435 -10.73 2.55 -3.28
N ILE A 436 -9.98 3.30 -4.09
CA ILE A 436 -9.04 2.68 -5.01
C ILE A 436 -7.96 1.89 -4.28
N ALA A 437 -7.39 2.48 -3.23
CA ALA A 437 -6.36 1.77 -2.46
C ALA A 437 -6.92 0.46 -1.87
N TYR A 438 -8.18 0.47 -1.46
CA TYR A 438 -8.73 -0.71 -0.78
C TYR A 438 -9.26 -1.75 -1.77
N LYS A 439 -9.64 -1.30 -2.97
CA LYS A 439 -9.94 -2.25 -4.03
C LYS A 439 -8.66 -3.01 -4.41
N ILE A 440 -7.53 -2.32 -4.40
CA ILE A 440 -6.23 -2.98 -4.65
C ILE A 440 -5.98 -4.03 -3.56
N ALA A 441 -6.13 -3.62 -2.31
CA ALA A 441 -5.86 -4.52 -1.18
C ALA A 441 -6.78 -5.73 -1.23
N ALA A 442 -8.06 -5.50 -1.50
CA ALA A 442 -9.05 -6.56 -1.55
C ALA A 442 -8.76 -7.54 -2.70
N HIS A 443 -8.43 -7.00 -3.87
CA HIS A 443 -8.12 -7.88 -5.00
C HIS A 443 -6.82 -8.64 -4.79
N ALA A 444 -5.81 -7.99 -4.22
CA ALA A 444 -4.56 -8.70 -3.94
C ALA A 444 -4.82 -9.87 -2.98
N ALA A 445 -5.69 -9.63 -1.99
CA ALA A 445 -6.10 -10.69 -1.05
C ALA A 445 -6.84 -11.85 -1.74
N ASP A 446 -7.80 -11.53 -2.63
CA ASP A 446 -8.48 -12.51 -3.49
C ASP A 446 -7.50 -13.39 -4.24
N LEU A 447 -6.48 -12.77 -4.84
CA LEU A 447 -5.42 -13.55 -5.51
C LEU A 447 -4.69 -14.46 -4.53
N ALA A 448 -4.30 -13.93 -3.38
CA ALA A 448 -3.54 -14.73 -2.39
C ALA A 448 -4.36 -15.91 -1.88
N LYS A 449 -5.68 -15.73 -1.80
CA LYS A 449 -6.58 -16.80 -1.39
C LYS A 449 -6.92 -17.77 -2.53
N GLN A 450 -6.37 -17.50 -3.72
CA GLN A 450 -6.72 -18.22 -4.94
C GLN A 450 -8.24 -18.29 -5.15
N HIS A 451 -8.92 -17.18 -4.89
CA HIS A 451 -10.37 -17.15 -5.09
C HIS A 451 -10.63 -17.40 -6.58
N PRO A 452 -11.62 -18.27 -6.88
CA PRO A 452 -11.89 -18.67 -8.26
C PRO A 452 -12.04 -17.48 -9.23
N HIS A 453 -11.26 -17.53 -10.31
CA HIS A 453 -11.31 -16.56 -11.42
C HIS A 453 -10.79 -15.16 -11.08
N ALA A 454 -10.26 -14.97 -9.88
CA ALA A 454 -9.76 -13.64 -9.52
C ALA A 454 -8.63 -13.20 -10.46
N GLN A 455 -7.77 -14.13 -10.87
CA GLN A 455 -6.63 -13.76 -11.71
C GLN A 455 -7.04 -13.40 -13.14
N ALA A 456 -8.24 -13.76 -13.57
CA ALA A 456 -8.68 -13.43 -14.94
C ALA A 456 -8.55 -11.94 -15.23
N TRP A 457 -8.86 -11.12 -14.24
CA TRP A 457 -8.72 -9.66 -14.37
C TRP A 457 -7.26 -9.28 -14.66
N ASP A 458 -6.35 -9.74 -13.82
CA ASP A 458 -4.92 -9.46 -14.02
C ASP A 458 -4.43 -9.93 -15.38
N ASP A 459 -4.89 -11.12 -15.79
CA ASP A 459 -4.43 -11.72 -17.05
C ASP A 459 -4.92 -10.92 -18.27
N ALA A 460 -6.17 -10.45 -18.21
CA ALA A 460 -6.70 -9.62 -19.29
C ALA A 460 -5.96 -8.29 -19.41
N LEU A 461 -5.71 -7.62 -18.29
CA LEU A 461 -4.98 -6.36 -18.38
C LEU A 461 -3.55 -6.63 -18.86
N SER A 462 -2.91 -7.68 -18.33
CA SER A 462 -1.52 -7.94 -18.71
C SER A 462 -1.37 -8.30 -20.19
N LYS A 463 -2.38 -8.98 -20.73
CA LYS A 463 -2.40 -9.33 -22.14
C LYS A 463 -2.48 -8.05 -22.99
N ALA A 464 -3.35 -7.12 -22.57
CA ALA A 464 -3.47 -5.83 -23.27
C ALA A 464 -2.17 -5.02 -23.18
N ARG A 465 -1.51 -5.08 -22.03
CA ARG A 465 -0.23 -4.44 -21.85
C ARG A 465 0.84 -5.00 -22.81
N PHE A 466 0.97 -6.32 -22.89
CA PHE A 466 1.97 -6.93 -23.75
C PHE A 466 1.67 -6.69 -25.24
N GLU A 467 0.41 -6.58 -25.59
CA GLU A 467 0.02 -6.44 -26.99
C GLU A 467 -0.14 -4.97 -27.39
N PHE A 468 0.16 -4.07 -26.45
CA PHE A 468 0.12 -2.62 -26.68
C PHE A 468 -1.27 -2.12 -27.09
N ARG A 469 -2.29 -2.82 -26.60
CA ARG A 469 -3.66 -2.34 -26.73
C ARG A 469 -3.91 -1.38 -25.58
N TRP A 470 -3.36 -0.17 -25.70
CA TRP A 470 -3.33 0.78 -24.60
C TRP A 470 -4.71 1.17 -24.10
N MET A 471 -5.64 1.44 -25.02
CA MET A 471 -7.00 1.81 -24.60
C MET A 471 -7.69 0.66 -23.86
N ASP A 472 -7.45 -0.58 -24.29
CA ASP A 472 -7.92 -1.77 -23.57
C ASP A 472 -7.31 -1.85 -22.18
N GLN A 473 -5.99 -1.65 -22.09
CA GLN A 473 -5.31 -1.64 -20.81
C GLN A 473 -5.95 -0.62 -19.86
N PHE A 474 -6.14 0.60 -20.33
CA PHE A 474 -6.77 1.62 -19.50
C PHE A 474 -8.17 1.20 -19.10
N ALA A 475 -8.96 0.72 -20.06
CA ALA A 475 -10.36 0.40 -19.80
C ALA A 475 -10.52 -0.72 -18.78
N LEU A 476 -9.52 -1.61 -18.73
CA LEU A 476 -9.58 -2.79 -17.86
C LEU A 476 -9.13 -2.46 -16.44
N SER A 477 -8.55 -1.29 -16.27
CA SER A 477 -7.97 -0.91 -14.97
C SER A 477 -9.02 -0.45 -13.93
N LEU A 478 -8.58 -0.36 -12.68
CA LEU A 478 -9.43 0.13 -11.59
C LEU A 478 -9.87 1.57 -11.82
N ASP A 479 -9.00 2.36 -12.44
CA ASP A 479 -9.28 3.80 -12.63
C ASP A 479 -8.78 4.23 -14.03
N PRO A 480 -9.58 3.94 -15.05
CA PRO A 480 -9.13 4.08 -16.44
C PRO A 480 -8.67 5.48 -16.83
N MET A 481 -9.31 6.53 -16.35
CA MET A 481 -8.96 7.88 -16.83
C MET A 481 -7.69 8.38 -16.18
N THR A 482 -7.39 7.88 -14.98
CA THR A 482 -6.12 8.18 -14.34
C THR A 482 -4.96 7.53 -15.11
N ALA A 483 -5.08 6.23 -15.42
CA ALA A 483 -4.03 5.57 -16.18
C ALA A 483 -3.79 6.31 -17.51
N MET A 484 -4.89 6.59 -18.22
CA MET A 484 -4.77 7.28 -19.50
C MET A 484 -4.19 8.69 -19.38
N SER A 485 -4.68 9.48 -18.45
CA SER A 485 -4.17 10.85 -18.33
C SER A 485 -2.68 10.82 -17.97
N PHE A 486 -2.28 9.86 -17.12
CA PHE A 486 -0.88 9.72 -16.74
C PHE A 486 0.00 9.37 -17.94
N HIS A 487 -0.45 8.41 -18.73
CA HIS A 487 0.24 8.03 -19.96
C HIS A 487 0.36 9.25 -20.87
N ASP A 488 -0.76 9.95 -21.00
CA ASP A 488 -0.88 11.04 -21.97
C ASP A 488 -0.15 12.32 -21.56
N GLU A 489 0.38 12.37 -20.34
CA GLU A 489 1.17 13.53 -19.92
C GLU A 489 2.43 13.71 -20.77
N THR A 490 2.97 12.60 -21.28
CA THR A 490 4.17 12.61 -22.11
C THR A 490 3.90 12.21 -23.56
N LEU A 491 2.92 11.36 -23.77
CA LEU A 491 2.53 10.95 -25.13
C LEU A 491 1.03 11.14 -25.34
N PRO A 492 0.60 12.38 -25.65
CA PRO A 492 -0.82 12.71 -25.76
C PRO A 492 -1.49 12.33 -27.08
N ALA A 493 -0.71 12.09 -28.14
CA ALA A 493 -1.28 11.86 -29.47
C ALA A 493 -2.14 10.60 -29.53
N ASP A 494 -3.20 10.64 -30.34
CA ASP A 494 -4.03 9.45 -30.53
C ASP A 494 -3.19 8.29 -31.03
N GLY A 495 -2.22 8.59 -31.89
CA GLY A 495 -1.35 7.58 -32.45
C GLY A 495 -0.54 6.83 -31.40
N ALA A 496 -0.20 7.49 -30.29
CA ALA A 496 0.58 6.84 -29.25
C ALA A 496 -0.22 5.74 -28.53
N LYS A 497 -1.55 5.74 -28.69
CA LYS A 497 -2.37 4.67 -28.13
C LYS A 497 -2.18 3.34 -28.87
N VAL A 498 -1.41 3.34 -29.97
CA VAL A 498 -1.07 2.08 -30.62
C VAL A 498 0.45 1.90 -30.77
N ALA A 499 1.22 2.73 -30.08
CA ALA A 499 2.68 2.63 -30.12
C ALA A 499 3.17 1.40 -29.37
N HIS A 500 4.23 0.79 -29.89
CA HIS A 500 4.86 -0.33 -29.20
C HIS A 500 6.00 0.20 -28.33
N PHE A 501 5.65 1.19 -27.51
CA PHE A 501 6.51 1.79 -26.49
C PHE A 501 5.70 2.85 -25.75
N CYS A 502 6.29 3.43 -24.72
CA CYS A 502 5.76 4.64 -24.11
C CYS A 502 6.98 5.47 -23.73
N SER A 503 6.81 6.53 -22.96
CA SER A 503 7.92 7.45 -22.74
C SER A 503 8.92 6.98 -21.70
N MET A 504 8.59 5.90 -20.99
CA MET A 504 9.49 5.36 -19.98
C MET A 504 10.78 4.86 -20.59
N CYS A 505 10.68 4.04 -21.64
CA CYS A 505 11.86 3.48 -22.30
C CYS A 505 12.11 4.02 -23.70
N GLY A 506 11.07 4.52 -24.36
CA GLY A 506 11.21 4.96 -25.75
C GLY A 506 11.21 3.78 -26.70
N PRO A 507 11.15 4.06 -28.02
CA PRO A 507 11.01 3.01 -29.05
C PRO A 507 12.16 2.01 -29.08
N LYS A 508 13.38 2.45 -28.76
CA LYS A 508 14.56 1.59 -28.88
C LYS A 508 14.80 0.67 -27.68
N PHE A 509 14.13 0.94 -26.56
CA PHE A 509 14.43 0.27 -25.30
C PHE A 509 13.23 -0.40 -24.67
N CYS A 510 12.08 -0.35 -25.34
CA CYS A 510 10.87 -1.00 -24.81
C CYS A 510 11.05 -2.53 -24.82
N SER A 511 11.08 -3.13 -23.62
CA SER A 511 11.38 -4.56 -23.49
C SER A 511 10.32 -5.46 -24.12
N MET A 512 9.06 -5.04 -24.10
CA MET A 512 8.00 -5.90 -24.63
C MET A 512 8.08 -5.88 -26.15
N LYS A 513 8.48 -4.75 -26.72
N LYS A 513 8.47 -4.75 -26.71
CA LYS A 513 8.69 -4.68 -28.16
CA LYS A 513 8.72 -4.65 -28.15
C LYS A 513 9.90 -5.52 -28.56
C LYS A 513 9.90 -5.51 -28.56
N ILE A 514 10.96 -5.48 -27.75
CA ILE A 514 12.12 -6.32 -28.00
C ILE A 514 11.75 -7.81 -27.91
N THR A 515 10.91 -8.16 -26.93
CA THR A 515 10.35 -9.51 -26.84
C THR A 515 9.57 -9.91 -28.09
N GLU A 516 8.77 -8.99 -28.64
CA GLU A 516 8.12 -9.24 -29.93
C GLU A 516 9.14 -9.61 -31.01
N ASP A 517 10.25 -8.86 -31.07
CA ASP A 517 11.33 -9.15 -32.02
C ASP A 517 11.94 -10.53 -31.81
N ILE A 518 12.22 -10.84 -30.54
CA ILE A 518 12.78 -12.15 -30.16
C ILE A 518 11.88 -13.28 -30.65
N ARG A 519 10.58 -13.14 -30.43
CA ARG A 519 9.62 -14.18 -30.79
C ARG A 519 9.42 -14.28 -32.30
N LYS A 520 9.53 -13.13 -32.98
CA LYS A 520 9.50 -13.12 -34.44
C LYS A 520 10.68 -13.92 -34.98
N TYR A 521 11.87 -13.63 -34.46
CA TYR A 521 13.09 -14.31 -34.87
C TYR A 521 13.02 -15.82 -34.62
N ALA A 522 12.49 -16.21 -33.46
CA ALA A 522 12.37 -17.61 -33.11
C ALA A 522 11.30 -18.31 -33.95
N GLU A 523 10.22 -17.60 -34.28
CA GLU A 523 9.16 -18.16 -35.11
C GLU A 523 9.69 -18.58 -36.48
N GLU A 524 10.66 -17.82 -36.99
CA GLU A 524 11.26 -18.10 -38.28
C GLU A 524 12.44 -19.07 -38.20
N ASN A 525 13.36 -18.80 -37.28
CA ASN A 525 14.64 -19.51 -37.24
C ASN A 525 14.79 -20.52 -36.10
N GLY A 526 13.82 -20.54 -35.19
CA GLY A 526 13.87 -21.43 -34.05
C GLY A 526 14.71 -20.90 -32.90
N TYR A 527 14.58 -21.55 -31.74
CA TYR A 527 15.31 -21.17 -30.53
C TYR A 527 16.64 -21.91 -30.40
N PRO B 16 16.14 24.78 -8.96
CA PRO B 16 16.56 24.33 -7.63
C PRO B 16 15.39 23.86 -6.76
N ILE B 17 15.63 22.82 -5.96
CA ILE B 17 14.56 22.19 -5.17
C ILE B 17 14.22 23.01 -3.94
N PRO B 18 12.96 22.91 -3.48
CA PRO B 18 12.55 23.47 -2.19
C PRO B 18 13.55 23.13 -1.10
N SER B 19 13.75 24.06 -0.17
CA SER B 19 14.79 23.93 0.84
C SER B 19 14.50 22.82 1.83
N PHE B 20 15.55 22.38 2.52
CA PHE B 20 15.41 21.43 3.60
C PHE B 20 14.45 21.96 4.67
N GLU B 21 14.50 23.26 4.95
CA GLU B 21 13.63 23.85 5.96
C GLU B 21 12.17 23.85 5.50
N GLU B 22 11.95 24.05 4.20
CA GLU B 22 10.61 24.05 3.64
C GLU B 22 10.02 22.64 3.60
N CYS B 23 10.89 21.63 3.55
CA CYS B 23 10.43 20.25 3.48
C CYS B 23 10.21 19.66 4.86
N PHE B 24 11.05 20.09 5.80
CA PHE B 24 11.08 19.53 7.14
C PHE B 24 11.12 20.63 8.21
N PRO B 25 10.00 21.32 8.42
CA PRO B 25 9.96 22.37 9.45
C PRO B 25 10.32 21.82 10.83
N LYS B 26 11.07 22.60 11.61
CA LYS B 26 11.54 22.24 12.95
C LYS B 26 12.66 21.18 12.94
N SER B 27 13.09 20.76 11.76
CA SER B 27 14.22 19.84 11.64
C SER B 27 15.52 20.59 11.38
N THR B 28 16.61 20.08 11.94
CA THR B 28 17.94 20.57 11.62
C THR B 28 18.83 19.41 11.18
N LYS B 29 19.67 19.64 10.18
CA LYS B 29 20.66 18.67 9.81
C LYS B 29 21.79 18.65 10.83
N GLU B 30 22.11 17.47 11.33
CA GLU B 30 23.15 17.32 12.32
C GLU B 30 24.18 16.32 11.82
N HIS B 31 25.28 16.21 12.55
CA HIS B 31 26.34 15.26 12.24
C HIS B 31 26.91 14.69 13.51
N LYS B 32 27.10 13.37 13.54
CA LYS B 32 27.80 12.72 14.63
C LYS B 32 29.25 12.57 14.23
N GLU B 33 30.15 13.08 15.06
CA GLU B 33 31.57 13.04 14.76
C GLU B 33 32.30 11.84 15.40
N VAL B 34 32.98 11.04 14.58
CA VAL B 34 33.71 9.88 15.06
C VAL B 34 35.07 9.78 14.37
N VAL B 35 36.08 9.28 15.08
CA VAL B 35 37.42 9.23 14.52
C VAL B 35 37.83 7.81 14.15
N HIS B 36 38.18 7.63 12.88
CA HIS B 36 38.76 6.39 12.41
C HIS B 36 40.19 6.28 12.96
N GLU B 37 40.37 5.37 13.93
CA GLU B 37 41.63 5.26 14.67
C GLU B 37 42.87 5.04 13.82
N GLU B 38 42.82 4.05 12.93
CA GLU B 38 43.98 3.65 12.13
C GLU B 38 44.47 4.75 11.19
N SER B 39 43.64 5.76 10.93
CA SER B 39 43.99 6.81 9.97
C SER B 39 43.91 8.20 10.61
N GLY B 40 43.21 8.30 11.72
CA GLY B 40 42.98 9.58 12.36
C GLY B 40 42.01 10.46 11.60
N HIS B 41 41.42 9.92 10.53
CA HIS B 41 40.42 10.67 9.78
C HIS B 41 39.18 10.90 10.61
N VAL B 42 38.64 12.12 10.52
CA VAL B 42 37.42 12.50 11.23
C VAL B 42 36.22 12.32 10.32
N LEU B 43 35.22 11.60 10.81
CA LEU B 43 34.01 11.34 10.01
C LEU B 43 32.82 12.09 10.56
N LYS B 44 32.07 12.73 9.68
CA LYS B 44 30.87 13.47 10.09
C LYS B 44 29.64 12.75 9.57
N VAL B 45 29.07 11.90 10.39
CA VAL B 45 27.96 11.06 9.98
C VAL B 45 26.64 11.80 10.14
N PRO B 46 25.92 11.99 9.03
CA PRO B 46 24.72 12.82 9.08
C PRO B 46 23.56 12.16 9.81
N PHE B 47 22.76 12.99 10.47
CA PHE B 47 21.43 12.57 10.89
C PHE B 47 20.55 13.80 10.96
N ARG B 48 19.25 13.60 11.17
CA ARG B 48 18.30 14.68 11.14
C ARG B 48 17.62 14.71 12.48
N ARG B 49 17.48 15.91 13.05
CA ARG B 49 16.89 16.04 14.39
C ARG B 49 15.65 16.90 14.34
N VAL B 50 14.53 16.35 14.81
CA VAL B 50 13.28 17.09 14.82
C VAL B 50 13.11 17.71 16.19
N HIS B 51 13.04 19.03 16.25
CA HIS B 51 12.91 19.75 17.50
C HIS B 51 11.45 19.90 17.88
N LEU B 52 11.08 19.37 19.05
CA LEU B 52 9.70 19.29 19.47
C LEU B 52 9.36 20.29 20.58
N SER B 53 8.06 20.48 20.81
CA SER B 53 7.59 21.44 21.80
C SER B 53 7.21 20.76 23.12
N GLY B 54 6.87 21.55 24.12
CA GLY B 54 6.38 21.03 25.39
C GLY B 54 7.43 20.25 26.17
N GLY B 55 8.70 20.54 25.91
CA GLY B 55 9.77 19.92 26.66
C GLY B 55 10.09 18.49 26.25
N GLU B 56 9.42 17.98 25.21
CA GLU B 56 9.75 16.66 24.68
C GLU B 56 11.14 16.65 24.07
N PRO B 57 11.92 15.60 24.35
CA PRO B 57 13.27 15.46 23.80
C PRO B 57 13.24 15.40 22.27
N ALA B 58 14.24 15.97 21.63
CA ALA B 58 14.29 15.98 20.17
C ALA B 58 14.37 14.56 19.64
N PHE B 59 13.78 14.33 18.48
CA PHE B 59 13.83 13.01 17.88
C PHE B 59 14.84 12.98 16.73
N ASP B 60 15.81 12.07 16.81
CA ASP B 60 16.85 11.94 15.79
C ASP B 60 16.50 10.85 14.79
N ASN B 61 16.53 11.20 13.51
CA ASN B 61 16.18 10.28 12.44
C ASN B 61 17.32 10.14 11.42
N TYR B 62 17.26 9.08 10.63
CA TYR B 62 18.21 8.87 9.53
C TYR B 62 18.09 10.03 8.53
N ASP B 63 19.17 10.35 7.84
CA ASP B 63 19.16 11.50 6.93
C ASP B 63 19.96 11.20 5.65
N THR B 64 19.27 11.15 4.52
CA THR B 64 19.88 10.90 3.22
C THR B 64 19.98 12.15 2.36
N SER B 65 19.48 13.29 2.87
CA SER B 65 19.33 14.49 2.02
C SER B 65 20.69 15.02 1.54
N GLY B 66 21.73 14.77 2.33
CA GLY B 66 23.07 15.21 1.97
C GLY B 66 23.27 16.71 2.13
N PRO B 67 24.47 17.21 1.83
CA PRO B 67 24.83 18.63 1.93
C PRO B 67 23.82 19.52 1.19
N GLN B 68 23.38 20.59 1.83
CA GLN B 68 22.33 21.44 1.26
C GLN B 68 22.89 22.74 0.68
N ASN B 69 22.13 23.32 -0.25
CA ASN B 69 22.44 24.61 -0.84
C ASN B 69 23.79 24.64 -1.58
N VAL B 70 24.22 23.49 -2.07
CA VAL B 70 25.39 23.42 -2.92
C VAL B 70 24.95 23.50 -4.36
N ASN B 71 25.50 24.45 -5.11
CA ASN B 71 25.08 24.63 -6.50
C ASN B 71 25.48 23.42 -7.33
N ALA B 72 24.61 23.05 -8.26
CA ALA B 72 24.82 21.86 -9.08
C ALA B 72 26.02 22.00 -10.00
N HIS B 73 26.33 23.23 -10.40
CA HIS B 73 27.44 23.47 -11.31
C HIS B 73 28.78 23.33 -10.60
N ILE B 74 28.75 23.34 -9.28
CA ILE B 74 29.95 23.20 -8.47
C ILE B 74 30.15 21.76 -7.99
N GLY B 75 29.08 21.14 -7.49
CA GLY B 75 29.15 19.77 -7.00
C GLY B 75 29.51 19.69 -5.53
N LEU B 76 29.23 18.55 -4.91
CA LEU B 76 29.46 18.36 -3.47
C LEU B 76 30.94 18.28 -3.12
N ALA B 77 31.25 18.52 -1.84
CA ALA B 77 32.62 18.35 -1.37
C ALA B 77 33.07 16.90 -1.52
N LYS B 78 34.36 16.70 -1.76
CA LYS B 78 34.88 15.34 -1.94
C LYS B 78 35.40 14.74 -0.64
N LEU B 79 34.48 14.45 0.28
CA LEU B 79 34.79 14.04 1.64
C LEU B 79 35.61 12.75 1.78
N ARG B 80 35.61 11.91 0.76
CA ARG B 80 36.31 10.63 0.86
C ARG B 80 37.73 10.69 0.30
N LYS B 81 38.12 11.86 -0.22
CA LYS B 81 39.40 11.99 -0.91
C LYS B 81 40.59 11.46 -0.08
N GLU B 82 40.67 11.86 1.19
CA GLU B 82 41.82 11.48 1.99
C GLU B 82 41.77 9.99 2.35
N TRP B 83 40.57 9.44 2.47
CA TRP B 83 40.40 8.00 2.70
C TRP B 83 41.05 7.19 1.60
N ILE B 84 40.67 7.52 0.36
CA ILE B 84 41.08 6.80 -0.82
C ILE B 84 42.59 6.97 -1.07
N ASP B 85 43.06 8.22 -1.00
CA ASP B 85 44.47 8.53 -1.27
C ASP B 85 45.39 7.74 -0.34
N ARG B 86 45.03 7.69 0.95
CA ARG B 86 45.81 6.93 1.93
C ARG B 86 45.82 5.43 1.65
N ARG B 87 44.66 4.86 1.33
CA ARG B 87 44.60 3.42 1.06
C ARG B 87 45.43 3.08 -0.17
N GLU B 88 45.48 4.00 -1.13
CA GLU B 88 46.30 3.84 -2.32
C GLU B 88 47.79 3.83 -1.99
N LYS B 89 48.23 4.83 -1.22
CA LYS B 89 49.63 4.92 -0.79
C LYS B 89 50.09 3.63 -0.13
N LEU B 90 49.23 3.07 0.72
CA LEU B 90 49.55 1.86 1.45
C LEU B 90 49.67 0.62 0.56
N GLY B 91 49.20 0.72 -0.67
CA GLY B 91 49.34 -0.37 -1.62
C GLY B 91 48.46 -1.56 -1.30
N THR B 92 47.77 -2.06 -2.31
CA THR B 92 46.85 -3.18 -2.15
C THR B 92 46.48 -3.76 -3.52
N PRO B 93 46.31 -5.09 -3.60
CA PRO B 93 45.96 -5.75 -4.87
C PRO B 93 44.49 -5.54 -5.26
N ARG B 94 43.64 -5.32 -4.27
CA ARG B 94 42.21 -5.13 -4.49
C ARG B 94 41.70 -3.97 -3.64
N TYR B 95 40.62 -3.32 -4.08
CA TYR B 95 40.18 -2.10 -3.45
C TYR B 95 38.74 -2.15 -2.93
N THR B 96 38.19 -3.34 -2.74
CA THR B 96 36.78 -3.44 -2.32
C THR B 96 36.60 -3.56 -0.82
N GLN B 97 35.45 -3.10 -0.33
CA GLN B 97 35.15 -3.24 1.10
C GLN B 97 35.17 -4.70 1.55
N MET B 98 34.85 -5.63 0.65
CA MET B 98 34.89 -7.05 0.99
C MET B 98 36.32 -7.54 1.15
N TYR B 99 37.21 -7.08 0.28
CA TYR B 99 38.63 -7.42 0.40
C TYR B 99 39.20 -6.90 1.72
N TYR B 100 38.98 -5.62 2.03
CA TYR B 100 39.41 -5.04 3.30
C TYR B 100 38.81 -5.76 4.52
N ALA B 101 37.51 -6.02 4.49
CA ALA B 101 36.84 -6.75 5.58
C ALA B 101 37.45 -8.14 5.81
N LYS B 102 37.80 -8.82 4.72
CA LYS B 102 38.36 -10.16 4.81
C LYS B 102 39.81 -10.11 5.29
N GLN B 103 40.42 -8.93 5.19
CA GLN B 103 41.76 -8.69 5.71
C GLN B 103 41.73 -8.31 7.18
N GLY B 104 40.52 -8.23 7.73
CA GLY B 104 40.34 -7.85 9.12
C GLY B 104 40.36 -6.35 9.33
N ILE B 105 40.37 -5.59 8.23
CA ILE B 105 40.41 -4.14 8.31
C ILE B 105 39.03 -3.51 8.43
N ILE B 106 38.88 -2.61 9.40
CA ILE B 106 37.71 -1.76 9.48
C ILE B 106 38.02 -0.41 8.82
N THR B 107 37.42 -0.17 7.67
CA THR B 107 37.65 1.03 6.88
C THR B 107 36.84 2.23 7.39
N GLU B 108 37.13 3.42 6.86
CA GLU B 108 36.33 4.60 7.17
C GLU B 108 34.86 4.37 6.81
N GLU B 109 34.65 3.77 5.65
CA GLU B 109 33.29 3.49 5.16
C GLU B 109 32.51 2.56 6.11
N MET B 110 33.18 1.57 6.69
CA MET B 110 32.51 0.65 7.61
C MET B 110 32.16 1.32 8.92
N LEU B 111 33.07 2.17 9.41
CA LEU B 111 32.84 2.87 10.67
C LEU B 111 31.72 3.90 10.51
N TYR B 112 31.74 4.58 9.38
CA TYR B 112 30.72 5.53 9.00
C TYR B 112 29.35 4.84 8.99
N CYS B 113 29.28 3.68 8.34
CA CYS B 113 28.06 2.89 8.29
C CYS B 113 27.59 2.40 9.66
N ALA B 114 28.52 1.90 10.45
CA ALA B 114 28.21 1.42 11.79
C ALA B 114 27.61 2.56 12.61
N THR B 115 28.23 3.72 12.52
CA THR B 115 27.74 4.92 13.22
C THR B 115 26.33 5.32 12.76
N ARG B 116 26.11 5.30 11.46
CA ARG B 116 24.81 5.65 10.89
C ARG B 116 23.71 4.65 11.28
N GLU B 117 24.11 3.38 11.41
CA GLU B 117 23.18 2.29 11.74
C GLU B 117 23.09 2.05 13.26
N LYS B 118 23.89 2.77 14.03
CA LYS B 118 23.97 2.56 15.48
C LYS B 118 24.29 1.12 15.82
N LEU B 119 25.30 0.57 15.14
CA LEU B 119 25.70 -0.81 15.36
C LEU B 119 27.23 -0.88 15.47
N ASP B 120 27.73 -2.03 15.92
CA ASP B 120 29.16 -2.24 16.15
C ASP B 120 29.94 -2.26 14.83
N PRO B 121 31.05 -1.50 14.75
CA PRO B 121 31.86 -1.52 13.53
C PRO B 121 32.34 -2.92 13.15
N GLU B 122 32.64 -3.76 14.13
CA GLU B 122 33.06 -5.14 13.88
C GLU B 122 31.92 -5.98 13.29
N PHE B 123 30.70 -5.67 13.68
CA PHE B 123 29.56 -6.39 13.13
C PHE B 123 29.43 -6.06 11.65
N VAL B 124 29.61 -4.79 11.33
CA VAL B 124 29.58 -4.35 9.94
C VAL B 124 30.63 -5.11 9.13
N ARG B 125 31.87 -5.15 9.63
CA ARG B 125 32.94 -5.83 8.91
C ARG B 125 32.61 -7.30 8.71
N SER B 126 32.09 -7.95 9.74
CA SER B 126 31.70 -9.36 9.68
C SER B 126 30.64 -9.63 8.60
N GLU B 127 29.62 -8.77 8.53
CA GLU B 127 28.54 -8.87 7.55
C GLU B 127 29.05 -8.67 6.13
N VAL B 128 29.91 -7.67 5.95
CA VAL B 128 30.50 -7.41 4.65
C VAL B 128 31.40 -8.59 4.22
N ALA B 129 32.19 -9.13 5.15
CA ALA B 129 33.15 -10.19 4.82
C ALA B 129 32.46 -11.48 4.38
N ARG B 130 31.33 -11.79 5.00
CA ARG B 130 30.59 -12.98 4.65
C ARG B 130 29.63 -12.77 3.45
N GLY B 131 29.59 -11.54 2.94
CA GLY B 131 28.78 -11.25 1.76
C GLY B 131 27.30 -10.96 2.05
N ARG B 132 26.96 -10.82 3.33
CA ARG B 132 25.54 -10.63 3.69
C ARG B 132 25.16 -9.15 3.75
N ALA B 133 26.13 -8.28 3.51
CA ALA B 133 25.86 -6.85 3.42
C ALA B 133 26.89 -6.21 2.51
N ILE B 134 26.52 -5.15 1.82
CA ILE B 134 27.46 -4.48 0.95
C ILE B 134 27.46 -2.97 1.21
N ILE B 135 28.61 -2.35 0.97
CA ILE B 135 28.76 -0.91 1.06
C ILE B 135 29.17 -0.40 -0.32
N PRO B 136 28.18 -0.06 -1.16
CA PRO B 136 28.47 0.35 -2.53
C PRO B 136 29.20 1.69 -2.53
N SER B 137 30.48 1.68 -2.89
CA SER B 137 31.33 2.84 -2.63
C SER B 137 32.55 2.93 -3.54
N ASN B 138 32.31 3.09 -4.83
CA ASN B 138 33.35 3.30 -5.83
C ASN B 138 34.32 4.38 -5.34
N LYS B 139 35.62 4.09 -5.43
CA LYS B 139 36.65 5.03 -4.96
C LYS B 139 36.70 6.33 -5.77
N LYS B 140 36.04 6.36 -6.93
CA LYS B 140 35.91 7.58 -7.72
C LYS B 140 34.65 8.42 -7.36
N HIS B 141 33.81 7.89 -6.47
CA HIS B 141 32.65 8.66 -6.00
C HIS B 141 32.98 9.29 -4.67
N LEU B 142 33.81 10.34 -4.69
CA LEU B 142 34.35 10.88 -3.45
C LEU B 142 33.32 11.69 -2.65
N GLU B 143 32.22 12.05 -3.30
CA GLU B 143 31.16 12.85 -2.70
C GLU B 143 30.24 12.00 -1.79
N LEU B 144 30.39 10.69 -1.89
CA LEU B 144 29.48 9.75 -1.24
C LEU B 144 29.52 9.76 0.29
N GLU B 145 28.35 9.84 0.90
CA GLU B 145 28.20 9.55 2.33
C GLU B 145 27.83 8.08 2.46
N PRO B 146 28.76 7.26 2.96
CA PRO B 146 28.59 5.80 2.94
C PRO B 146 27.33 5.28 3.63
N MET B 147 26.77 4.22 3.06
CA MET B 147 25.62 3.55 3.61
C MET B 147 25.78 2.06 3.35
N ILE B 148 25.05 1.26 4.09
CA ILE B 148 25.16 -0.18 3.98
C ILE B 148 23.80 -0.79 3.60
N VAL B 149 23.87 -1.86 2.80
CA VAL B 149 22.70 -2.59 2.34
C VAL B 149 22.81 -4.02 2.85
N GLY B 150 21.86 -4.46 3.66
CA GLY B 150 21.92 -5.84 4.16
C GLY B 150 20.78 -6.16 5.12
N ARG B 151 20.41 -7.44 5.20
CA ARG B 151 19.24 -7.84 5.98
C ARG B 151 19.34 -7.44 7.46
N LYS B 152 20.57 -7.40 7.99
CA LYS B 152 20.75 -7.08 9.40
C LYS B 152 20.71 -5.59 9.70
N PHE B 153 20.48 -4.78 8.67
CA PHE B 153 20.46 -3.33 8.81
C PHE B 153 19.10 -2.75 8.46
N LEU B 154 18.95 -1.43 8.59
CA LEU B 154 17.72 -0.77 8.17
C LEU B 154 17.39 -1.12 6.72
N VAL B 155 16.12 -1.42 6.44
CA VAL B 155 15.74 -1.65 5.05
C VAL B 155 15.92 -0.36 4.26
N LYS B 156 16.60 -0.46 3.13
CA LYS B 156 16.91 0.71 2.29
C LYS B 156 16.01 0.80 1.07
N VAL B 157 15.93 2.01 0.51
CA VAL B 157 15.07 2.29 -0.64
C VAL B 157 15.90 2.85 -1.80
N ASN B 158 15.67 2.35 -3.01
CA ASN B 158 16.28 2.90 -4.22
C ASN B 158 15.29 3.67 -5.11
N ALA B 159 15.70 4.86 -5.57
CA ALA B 159 14.90 5.62 -6.52
C ALA B 159 15.53 5.55 -7.90
N ASN B 160 14.74 5.17 -8.89
CA ASN B 160 15.22 5.19 -10.27
C ASN B 160 14.86 6.49 -10.95
N ILE B 161 15.85 7.08 -11.62
CA ILE B 161 15.63 8.30 -12.40
C ILE B 161 16.37 8.14 -13.74
N GLY B 162 16.32 9.18 -14.57
CA GLY B 162 17.00 9.14 -15.85
C GLY B 162 16.09 9.56 -16.98
N ASN B 163 16.67 10.06 -18.08
CA ASN B 163 15.85 10.47 -19.21
C ASN B 163 15.49 9.26 -20.08
N SER B 164 14.65 9.49 -21.09
CA SER B 164 14.53 8.57 -22.21
C SER B 164 14.76 9.37 -23.47
N ALA B 165 14.73 8.71 -24.62
CA ALA B 165 14.80 9.41 -25.89
C ALA B 165 13.60 10.34 -26.08
N VAL B 166 12.51 10.04 -25.37
CA VAL B 166 11.22 10.72 -25.52
C VAL B 166 11.00 11.89 -24.56
N ALA B 167 11.65 11.88 -23.40
CA ALA B 167 11.34 12.88 -22.40
C ALA B 167 12.49 13.20 -21.45
N SER B 168 12.42 14.40 -20.89
CA SER B 168 13.26 14.91 -19.81
C SER B 168 14.61 15.42 -20.30
N SER B 169 15.40 15.92 -19.36
CA SER B 169 16.61 16.68 -19.67
C SER B 169 17.58 16.63 -18.51
N ILE B 170 18.82 17.05 -18.74
CA ILE B 170 19.84 17.03 -17.70
C ILE B 170 19.44 17.80 -16.44
N GLU B 171 18.87 19.00 -16.60
CA GLU B 171 18.46 19.77 -15.44
C GLU B 171 17.33 19.07 -14.65
N GLU B 172 16.33 18.55 -15.35
CA GLU B 172 15.21 17.87 -14.70
C GLU B 172 15.68 16.64 -13.93
N GLU B 173 16.67 15.94 -14.47
CA GLU B 173 17.16 14.73 -13.80
C GLU B 173 18.02 15.05 -12.59
N VAL B 174 18.78 16.14 -12.66
CA VAL B 174 19.58 16.53 -11.51
C VAL B 174 18.68 16.98 -10.36
N TYR B 175 17.61 17.72 -10.71
CA TYR B 175 16.56 18.09 -9.75
C TYR B 175 16.04 16.82 -9.06
N LYS B 176 15.66 15.83 -9.87
CA LYS B 176 15.03 14.61 -9.37
C LYS B 176 15.91 13.79 -8.42
N VAL B 177 17.23 13.85 -8.59
CA VAL B 177 18.14 13.14 -7.68
C VAL B 177 18.19 13.83 -6.32
N GLN B 178 18.28 15.16 -6.32
CA GLN B 178 18.21 15.94 -5.11
C GLN B 178 16.85 15.75 -4.40
N TRP B 179 15.79 15.65 -5.19
CA TRP B 179 14.42 15.53 -4.69
C TRP B 179 14.22 14.14 -4.05
N ALA B 180 14.66 13.11 -4.77
CA ALA B 180 14.54 11.74 -4.28
C ALA B 180 15.23 11.58 -2.93
N THR B 181 16.48 12.04 -2.84
CA THR B 181 17.22 11.90 -1.59
C THR B 181 16.66 12.80 -0.48
N MET B 182 16.04 13.91 -0.85
CA MET B 182 15.41 14.80 0.15
C MET B 182 14.35 14.02 0.93
N TRP B 183 13.60 13.18 0.22
CA TRP B 183 12.47 12.48 0.83
C TRP B 183 12.81 11.10 1.38
N GLY B 184 14.05 10.65 1.18
CA GLY B 184 14.55 9.47 1.88
C GLY B 184 15.16 8.36 1.04
N ALA B 185 15.34 8.57 -0.26
CA ALA B 185 16.01 7.57 -1.10
C ALA B 185 17.42 7.32 -0.60
N ASP B 186 17.74 6.06 -0.38
CA ASP B 186 19.03 5.64 0.15
C ASP B 186 20.07 5.39 -0.94
N THR B 187 19.59 5.10 -2.15
CA THR B 187 20.42 4.98 -3.35
C THR B 187 19.59 5.48 -4.50
N ILE B 188 20.26 5.79 -5.59
CA ILE B 188 19.57 6.10 -6.84
C ILE B 188 20.21 5.35 -7.98
N MET B 189 19.46 5.13 -9.05
CA MET B 189 20.06 4.64 -10.28
C MET B 189 19.77 5.62 -11.38
N ASP B 190 20.77 5.85 -12.22
CA ASP B 190 20.59 6.68 -13.41
C ASP B 190 20.36 5.74 -14.59
N LEU B 191 19.10 5.62 -14.99
CA LEU B 191 18.71 4.67 -16.04
C LEU B 191 18.53 5.35 -17.40
N SER B 192 19.25 6.44 -17.63
CA SER B 192 19.07 7.21 -18.85
C SER B 192 19.28 6.37 -20.12
N THR B 193 18.40 6.56 -21.09
CA THR B 193 18.50 5.87 -22.37
C THR B 193 18.41 6.84 -23.54
N GLY B 194 18.47 8.14 -23.24
CA GLY B 194 18.34 9.15 -24.28
C GLY B 194 19.66 9.78 -24.66
N ARG B 195 19.60 11.07 -25.00
CA ARG B 195 20.79 11.84 -25.35
C ARG B 195 21.56 12.21 -24.09
N HIS B 196 22.86 12.47 -24.26
CA HIS B 196 23.69 13.04 -23.20
C HIS B 196 23.83 12.16 -21.96
N ILE B 197 23.89 10.85 -22.17
CA ILE B 197 23.94 9.93 -21.06
C ILE B 197 25.17 10.15 -20.17
N HIS B 198 26.34 10.27 -20.79
CA HIS B 198 27.56 10.46 -20.03
C HIS B 198 27.52 11.74 -19.20
N GLU B 199 27.09 12.84 -19.82
CA GLU B 199 27.04 14.13 -19.14
C GLU B 199 26.01 14.15 -18.02
N THR B 200 24.82 13.63 -18.29
CA THR B 200 23.76 13.59 -17.27
C THR B 200 24.26 12.86 -16.02
N ARG B 201 24.91 11.73 -16.23
CA ARG B 201 25.42 10.94 -15.13
C ARG B 201 26.53 11.66 -14.36
N GLU B 202 27.33 12.44 -15.08
CA GLU B 202 28.39 13.21 -14.45
C GLU B 202 27.80 14.22 -13.45
N TRP B 203 26.82 14.99 -13.91
CA TRP B 203 26.11 15.93 -13.05
C TRP B 203 25.51 15.24 -11.81
N ILE B 204 24.89 14.08 -12.01
CA ILE B 204 24.28 13.35 -10.90
C ILE B 204 25.31 12.88 -9.89
N LEU B 205 26.37 12.24 -10.37
CA LEU B 205 27.40 11.70 -9.47
C LEU B 205 28.09 12.78 -8.65
N ARG B 206 28.38 13.91 -9.29
CA ARG B 206 29.06 14.99 -8.59
C ARG B 206 28.15 15.67 -7.58
N ASN B 207 26.83 15.46 -7.72
CA ASN B 207 25.88 16.08 -6.81
C ASN B 207 25.07 15.10 -5.96
N SER B 208 25.43 13.81 -5.99
CA SER B 208 24.74 12.81 -5.18
C SER B 208 25.59 12.38 -3.99
N ALA B 209 25.04 12.53 -2.79
CA ALA B 209 25.70 12.05 -1.59
C ALA B 209 25.35 10.58 -1.30
N VAL B 210 24.44 10.01 -2.09
CA VAL B 210 24.06 8.60 -1.97
C VAL B 210 24.65 7.77 -3.13
N PRO B 211 24.76 6.43 -2.95
CA PRO B 211 25.29 5.59 -4.03
C PRO B 211 24.48 5.73 -5.30
N VAL B 212 25.17 5.77 -6.43
CA VAL B 212 24.54 5.85 -7.73
C VAL B 212 24.82 4.56 -8.46
N GLY B 213 23.75 3.89 -8.90
CA GLY B 213 23.88 2.70 -9.71
C GLY B 213 23.52 2.97 -11.16
N THR B 214 24.02 2.12 -12.05
CA THR B 214 23.62 2.12 -13.46
C THR B 214 23.41 0.71 -13.98
N VAL B 215 22.82 0.64 -15.17
CA VAL B 215 22.78 -0.56 -15.98
C VAL B 215 23.63 -0.33 -17.25
N PRO B 216 24.92 -0.72 -17.22
CA PRO B 216 25.87 -0.45 -18.33
C PRO B 216 25.37 -0.85 -19.71
N ILE B 217 24.56 -1.89 -19.81
CA ILE B 217 24.10 -2.34 -21.13
C ILE B 217 23.26 -1.25 -21.84
N TYR B 218 22.64 -0.33 -21.09
CA TYR B 218 21.81 0.69 -21.74
C TYR B 218 22.66 1.65 -22.61
N GLN B 219 23.73 2.16 -22.03
CA GLN B 219 24.61 3.07 -22.74
C GLN B 219 25.38 2.33 -23.83
N ALA B 220 25.75 1.09 -23.55
CA ALA B 220 26.38 0.27 -24.57
C ALA B 220 25.49 0.17 -25.80
N LEU B 221 24.18 0.00 -25.60
CA LEU B 221 23.26 -0.09 -26.73
C LEU B 221 23.12 1.29 -27.40
N GLU B 222 23.10 2.34 -26.60
CA GLU B 222 23.02 3.71 -27.13
C GLU B 222 24.24 4.00 -28.00
N LYS B 223 25.41 3.52 -27.57
CA LYS B 223 26.66 3.67 -28.33
C LYS B 223 26.55 3.04 -29.72
N VAL B 224 25.81 1.94 -29.86
CA VAL B 224 25.65 1.33 -31.18
C VAL B 224 24.27 1.67 -31.76
N ASP B 225 23.76 2.83 -31.37
CA ASP B 225 22.55 3.42 -31.96
C ASP B 225 21.34 2.50 -31.93
N GLY B 226 21.15 1.78 -30.84
CA GLY B 226 19.93 1.03 -30.61
C GLY B 226 19.81 -0.29 -31.34
N ILE B 227 20.89 -0.73 -31.98
CA ILE B 227 20.91 -2.02 -32.67
C ILE B 227 21.61 -3.08 -31.81
N ALA B 228 20.82 -3.93 -31.18
CA ALA B 228 21.33 -4.90 -30.22
C ALA B 228 22.37 -5.83 -30.85
N GLU B 229 22.15 -6.19 -32.11
CA GLU B 229 23.05 -7.08 -32.84
C GLU B 229 24.45 -6.49 -33.01
N ASN B 230 24.58 -5.17 -32.90
CA ASN B 230 25.91 -4.56 -32.96
C ASN B 230 26.62 -4.46 -31.61
N LEU B 231 26.01 -5.01 -30.57
CA LEU B 231 26.70 -5.11 -29.29
C LEU B 231 27.75 -6.21 -29.36
N ASN B 232 28.77 -6.10 -28.51
CA ASN B 232 29.76 -7.14 -28.31
C ASN B 232 30.46 -6.86 -27.00
N TRP B 233 31.34 -7.78 -26.59
CA TRP B 233 32.07 -7.60 -25.33
C TRP B 233 32.92 -6.32 -25.33
N GLU B 234 33.51 -5.97 -26.47
CA GLU B 234 34.39 -4.80 -26.52
C GLU B 234 33.67 -3.50 -26.16
N VAL B 235 32.52 -3.25 -26.79
CA VAL B 235 31.77 -2.02 -26.52
C VAL B 235 31.22 -2.03 -25.08
N PHE B 236 30.89 -3.22 -24.57
CA PHE B 236 30.38 -3.33 -23.20
C PHE B 236 31.49 -3.00 -22.21
N ARG B 237 32.68 -3.55 -22.46
CA ARG B 237 33.81 -3.31 -21.57
C ARG B 237 34.23 -1.85 -21.54
N GLU B 238 34.19 -1.20 -22.71
CA GLU B 238 34.49 0.23 -22.79
C GLU B 238 33.53 1.05 -21.93
N THR B 239 32.26 0.64 -21.94
CA THR B 239 31.22 1.30 -21.16
C THR B 239 31.44 1.08 -19.66
N LEU B 240 31.76 -0.15 -19.27
CA LEU B 240 32.07 -0.42 -17.86
C LEU B 240 33.17 0.50 -17.34
N ILE B 241 34.27 0.58 -18.09
CA ILE B 241 35.42 1.40 -17.69
C ILE B 241 35.04 2.87 -17.58
N GLU B 242 34.31 3.36 -18.59
CA GLU B 242 33.84 4.73 -18.62
C GLU B 242 32.98 5.07 -17.39
N GLN B 243 32.02 4.21 -17.10
CA GLN B 243 31.11 4.42 -15.98
C GLN B 243 31.82 4.24 -14.63
N ALA B 244 32.74 3.29 -14.54
CA ALA B 244 33.49 3.08 -13.29
C ALA B 244 34.42 4.25 -13.00
N GLU B 245 34.99 4.84 -14.05
CA GLU B 245 35.85 6.02 -13.91
C GLU B 245 35.09 7.24 -13.39
N GLN B 246 33.82 7.37 -13.77
CA GLN B 246 33.00 8.48 -13.28
C GLN B 246 32.65 8.33 -11.80
N GLY B 247 32.63 7.09 -11.32
CA GLY B 247 32.35 6.84 -9.92
C GLY B 247 31.07 6.06 -9.62
N VAL B 248 30.48 5.45 -10.64
CA VAL B 248 29.28 4.62 -10.47
C VAL B 248 29.53 3.55 -9.39
N ASP B 249 28.65 3.48 -8.38
CA ASP B 249 28.91 2.62 -7.22
C ASP B 249 28.46 1.18 -7.42
N TYR B 250 27.50 0.95 -8.30
CA TYR B 250 27.12 -0.43 -8.60
C TYR B 250 26.51 -0.59 -9.99
N PHE B 251 26.80 -1.73 -10.61
CA PHE B 251 26.32 -2.09 -11.93
C PHE B 251 25.27 -3.18 -11.84
N THR B 252 24.13 -2.97 -12.48
CA THR B 252 23.21 -4.07 -12.72
C THR B 252 23.66 -4.76 -13.99
N ILE B 253 24.01 -6.06 -13.90
CA ILE B 253 24.46 -6.78 -15.09
C ILE B 253 23.68 -8.08 -15.21
N HIS B 254 23.06 -8.29 -16.38
CA HIS B 254 22.14 -9.40 -16.58
C HIS B 254 22.87 -10.64 -17.09
N ALA B 255 23.89 -11.05 -16.37
CA ALA B 255 24.72 -12.17 -16.80
C ALA B 255 24.01 -13.51 -16.63
N GLY B 256 22.85 -13.51 -15.98
CA GLY B 256 22.09 -14.73 -15.80
C GLY B 256 21.09 -15.06 -16.89
N VAL B 257 20.96 -14.17 -17.86
CA VAL B 257 20.08 -14.44 -18.99
C VAL B 257 20.82 -15.30 -20.00
N LEU B 258 20.77 -16.61 -19.79
CA LEU B 258 21.54 -17.54 -20.60
C LEU B 258 20.78 -17.94 -21.87
N LEU B 259 21.53 -18.19 -22.94
CA LEU B 259 20.97 -18.62 -24.22
C LEU B 259 19.91 -19.73 -24.09
N ARG B 260 20.19 -20.75 -23.26
CA ARG B 260 19.27 -21.87 -23.14
C ARG B 260 18.01 -21.55 -22.32
N TYR B 261 17.99 -20.40 -21.63
CA TYR B 261 16.81 -19.99 -20.86
C TYR B 261 15.76 -19.26 -21.69
N ILE B 262 16.18 -18.67 -22.81
CA ILE B 262 15.27 -17.86 -23.61
C ILE B 262 14.02 -18.63 -24.09
N PRO B 263 14.15 -19.89 -24.58
CA PRO B 263 12.93 -20.59 -24.97
C PRO B 263 11.94 -20.80 -23.81
N LEU B 264 12.43 -20.78 -22.58
CA LEU B 264 11.55 -20.90 -21.41
C LEU B 264 10.61 -19.69 -21.25
N THR B 265 10.86 -18.61 -21.98
CA THR B 265 9.97 -17.42 -21.89
C THR B 265 8.88 -17.40 -22.96
N ALA B 266 8.91 -18.35 -23.88
CA ALA B 266 7.99 -18.36 -25.03
C ALA B 266 6.52 -18.42 -24.62
N LYS B 267 6.23 -19.15 -23.55
CA LYS B 267 4.85 -19.33 -23.09
C LYS B 267 4.39 -18.24 -22.13
N ARG B 268 5.23 -17.26 -21.86
CA ARG B 268 4.91 -16.21 -20.90
C ARG B 268 3.83 -15.25 -21.41
N LEU B 269 3.00 -14.78 -20.51
CA LEU B 269 1.97 -13.81 -20.87
C LEU B 269 2.60 -12.47 -21.25
N THR B 270 3.58 -12.01 -20.49
CA THR B 270 4.16 -10.69 -20.81
C THR B 270 5.64 -10.79 -21.19
N GLY B 271 6.11 -12.00 -21.49
CA GLY B 271 7.44 -12.19 -22.05
C GLY B 271 8.59 -11.73 -21.19
N ILE B 272 9.58 -11.09 -21.81
CA ILE B 272 10.73 -10.55 -21.06
C ILE B 272 10.53 -9.04 -20.84
N VAL B 273 10.30 -8.63 -19.60
CA VAL B 273 9.98 -7.24 -19.32
C VAL B 273 11.20 -6.45 -18.86
N SER B 274 12.27 -7.17 -18.54
CA SER B 274 13.50 -6.52 -18.14
C SER B 274 14.09 -5.84 -19.37
N ARG B 275 14.45 -4.57 -19.23
CA ARG B 275 15.07 -3.83 -20.33
C ARG B 275 16.42 -4.44 -20.72
N GLY B 276 17.34 -4.50 -19.76
CA GLY B 276 18.61 -5.14 -20.00
C GLY B 276 18.50 -6.60 -20.39
N GLY B 277 17.58 -7.32 -19.75
CA GLY B 277 17.37 -8.72 -20.07
C GLY B 277 16.96 -8.98 -21.50
N SER B 278 16.01 -8.18 -22.01
CA SER B 278 15.51 -8.37 -23.37
C SER B 278 16.63 -8.09 -24.39
N ILE B 279 17.48 -7.12 -24.08
CA ILE B 279 18.58 -6.74 -24.97
C ILE B 279 19.57 -7.91 -25.12
N HIS B 280 19.94 -8.50 -23.99
CA HIS B 280 20.84 -9.66 -23.99
C HIS B 280 20.22 -10.84 -24.72
N ALA B 281 18.92 -11.06 -24.52
CA ALA B 281 18.26 -12.20 -25.13
C ALA B 281 18.19 -12.03 -26.64
N LYS B 282 17.91 -10.81 -27.09
CA LYS B 282 17.93 -10.53 -28.53
C LYS B 282 19.31 -10.84 -29.14
N TRP B 283 20.37 -10.39 -28.48
CA TRP B 283 21.74 -10.61 -28.96
C TRP B 283 22.08 -12.09 -29.03
N CYS B 284 21.72 -12.82 -27.96
CA CYS B 284 21.98 -14.26 -27.90
C CYS B 284 21.26 -15.01 -29.02
N LEU B 285 20.00 -14.67 -29.30
CA LEU B 285 19.28 -15.39 -30.34
C LEU B 285 19.85 -15.06 -31.71
N ALA B 286 20.22 -13.80 -31.90
CA ALA B 286 20.79 -13.33 -33.16
C ALA B 286 22.02 -14.13 -33.55
N TYR B 287 22.89 -14.40 -32.57
CA TYR B 287 24.16 -15.09 -32.85
C TYR B 287 24.23 -16.54 -32.40
N HIS B 288 23.16 -17.04 -31.81
CA HIS B 288 23.16 -18.34 -31.14
C HIS B 288 24.43 -18.49 -30.30
N LYS B 289 24.72 -17.47 -29.52
CA LYS B 289 25.91 -17.45 -28.68
C LYS B 289 25.52 -17.21 -27.23
N GLU B 290 26.37 -17.66 -26.32
CA GLU B 290 26.10 -17.44 -24.91
C GLU B 290 26.21 -15.96 -24.57
N ASN B 291 25.41 -15.53 -23.59
CA ASN B 291 25.47 -14.21 -22.98
C ASN B 291 26.92 -13.74 -22.79
N PHE B 292 27.31 -12.62 -23.40
CA PHE B 292 28.72 -12.23 -23.33
C PHE B 292 29.12 -11.71 -21.95
N ALA B 293 28.14 -11.25 -21.15
CA ALA B 293 28.44 -10.87 -19.77
C ALA B 293 28.73 -12.12 -18.94
N TYR B 294 27.98 -13.19 -19.20
CA TYR B 294 28.24 -14.47 -18.54
C TYR B 294 29.61 -15.02 -18.95
N GLU B 295 29.88 -15.02 -20.25
CA GLU B 295 31.15 -15.53 -20.77
C GLU B 295 32.34 -14.74 -20.25
N HIS B 296 32.17 -13.44 -20.02
CA HIS B 296 33.27 -12.61 -19.55
C HIS B 296 33.14 -12.21 -18.09
N TRP B 297 32.48 -13.04 -17.29
CA TRP B 297 32.20 -12.69 -15.90
C TRP B 297 33.51 -12.43 -15.16
N ASP B 298 34.52 -13.28 -15.38
CA ASP B 298 35.80 -13.12 -14.70
C ASP B 298 36.44 -11.76 -15.03
N ASP B 299 36.39 -11.37 -16.30
CA ASP B 299 36.90 -10.07 -16.72
C ASP B 299 36.16 -8.91 -16.05
N ILE B 300 34.85 -9.08 -15.88
CA ILE B 300 34.05 -8.02 -15.27
C ILE B 300 34.48 -7.84 -13.81
N LEU B 301 34.65 -8.95 -13.12
CA LEU B 301 35.09 -8.95 -11.74
C LEU B 301 36.48 -8.31 -11.58
N ASP B 302 37.36 -8.53 -12.57
CA ASP B 302 38.72 -7.98 -12.52
C ASP B 302 38.69 -6.44 -12.64
N ILE B 303 37.64 -5.90 -13.25
CA ILE B 303 37.44 -4.46 -13.29
C ILE B 303 36.84 -3.95 -11.98
N CYS B 304 35.78 -4.62 -11.54
CA CYS B 304 35.05 -4.19 -10.35
C CYS B 304 35.90 -4.15 -9.10
N ASN B 305 36.81 -5.12 -8.92
CA ASN B 305 37.56 -5.15 -7.66
C ASN B 305 38.77 -4.19 -7.65
N GLN B 306 38.91 -3.37 -8.68
CA GLN B 306 39.94 -2.33 -8.70
C GLN B 306 39.33 -0.95 -8.40
N TYR B 307 38.04 -0.81 -8.68
CA TYR B 307 37.31 0.43 -8.40
C TYR B 307 36.43 0.30 -7.16
N ASP B 308 36.14 -0.94 -6.78
CA ASP B 308 35.01 -1.30 -5.89
C ASP B 308 33.69 -0.82 -6.52
N VAL B 309 33.36 -1.41 -7.66
CA VAL B 309 32.00 -1.28 -8.19
C VAL B 309 31.28 -2.55 -7.77
N ALA B 310 30.21 -2.38 -7.00
CA ALA B 310 29.44 -3.53 -6.56
C ALA B 310 28.63 -4.06 -7.73
N LEU B 311 28.36 -5.36 -7.74
CA LEU B 311 27.56 -5.92 -8.82
C LEU B 311 26.18 -6.27 -8.30
N SER B 312 25.19 -5.75 -9.00
CA SER B 312 23.81 -6.08 -8.75
C SER B 312 23.40 -7.07 -9.83
N ILE B 313 23.39 -8.36 -9.52
CA ILE B 313 23.18 -9.33 -10.57
C ILE B 313 21.72 -9.30 -11.01
N GLY B 314 21.49 -8.86 -12.24
CA GLY B 314 20.15 -8.55 -12.72
C GLY B 314 19.24 -9.76 -12.76
N ASP B 315 17.92 -9.55 -12.67
CA ASP B 315 17.02 -10.63 -12.99
C ASP B 315 16.27 -10.31 -14.27
N GLY B 316 16.94 -10.64 -15.37
CA GLY B 316 16.48 -10.36 -16.71
C GLY B 316 15.26 -11.16 -17.04
N LEU B 317 15.02 -12.23 -16.29
CA LEU B 317 13.85 -13.06 -16.54
C LEU B 317 12.82 -12.93 -15.42
N ARG B 318 12.75 -11.77 -14.77
CA ARG B 318 11.70 -11.56 -13.77
C ARG B 318 10.32 -11.58 -14.41
N PRO B 319 9.29 -11.91 -13.62
CA PRO B 319 7.92 -11.91 -14.14
C PRO B 319 7.39 -10.49 -14.29
N GLY B 320 6.80 -10.20 -15.45
CA GLY B 320 6.18 -8.91 -15.67
C GLY B 320 4.67 -8.93 -15.55
N SER B 321 4.13 -10.08 -15.10
CA SER B 321 2.71 -10.24 -14.87
C SER B 321 2.51 -11.27 -13.76
N ILE B 322 1.36 -11.19 -13.11
CA ILE B 322 1.01 -12.15 -12.05
C ILE B 322 1.03 -13.56 -12.63
N TYR B 323 0.55 -13.68 -13.86
CA TYR B 323 0.51 -14.96 -14.58
C TYR B 323 1.88 -15.66 -14.66
N ASP B 324 2.94 -14.88 -14.88
CA ASP B 324 4.27 -15.43 -15.11
C ASP B 324 5.06 -15.66 -13.81
N ALA B 325 4.48 -15.34 -12.66
CA ALA B 325 5.23 -15.32 -11.39
C ALA B 325 5.75 -16.72 -11.02
N ASN B 326 7.01 -16.78 -10.61
CA ASN B 326 7.65 -17.99 -10.09
C ASN B 326 7.67 -19.13 -11.12
N ASP B 327 7.81 -18.79 -12.39
CA ASP B 327 7.86 -19.81 -13.43
C ASP B 327 9.28 -20.34 -13.65
N THR B 328 9.42 -21.29 -14.57
CA THR B 328 10.71 -21.94 -14.79
C THR B 328 11.81 -20.95 -15.11
N ALA B 329 11.55 -20.04 -16.05
CA ALA B 329 12.55 -19.06 -16.45
C ALA B 329 13.08 -18.27 -15.26
N GLN B 330 12.17 -17.83 -14.40
CA GLN B 330 12.56 -17.02 -13.24
C GLN B 330 13.52 -17.78 -12.32
N PHE B 331 13.19 -19.02 -12.00
CA PHE B 331 14.01 -19.80 -11.09
C PHE B 331 15.31 -20.32 -11.72
N ALA B 332 15.28 -20.62 -13.01
CA ALA B 332 16.52 -20.94 -13.74
C ALA B 332 17.54 -19.82 -13.59
N GLU B 333 17.10 -18.59 -13.79
CA GLU B 333 17.98 -17.44 -13.63
C GLU B 333 18.44 -17.28 -12.18
N LEU B 334 17.54 -17.53 -11.22
CA LEU B 334 17.90 -17.40 -9.80
C LEU B 334 19.01 -18.37 -9.44
N LEU B 335 18.94 -19.59 -9.96
CA LEU B 335 20.01 -20.56 -9.68
C LEU B 335 21.36 -20.04 -10.20
N THR B 336 21.35 -19.53 -11.44
CA THR B 336 22.54 -18.96 -12.04
C THR B 336 23.06 -17.74 -11.28
N GLN B 337 22.16 -16.88 -10.77
CA GLN B 337 22.56 -15.72 -9.96
C GLN B 337 23.38 -16.17 -8.77
N GLY B 338 22.98 -17.26 -8.13
CA GLY B 338 23.74 -17.82 -7.01
C GLY B 338 25.13 -18.27 -7.44
N GLU B 339 25.22 -18.90 -8.59
CA GLU B 339 26.54 -19.27 -9.13
C GLU B 339 27.44 -18.06 -9.33
N LEU B 340 26.89 -17.03 -9.99
CA LEU B 340 27.64 -15.82 -10.30
C LEU B 340 28.05 -15.08 -9.02
N THR B 341 27.18 -15.12 -8.02
CA THR B 341 27.45 -14.54 -6.71
C THR B 341 28.70 -15.17 -6.05
N ARG B 342 28.71 -16.49 -6.00
CA ARG B 342 29.82 -17.19 -5.37
C ARG B 342 31.12 -16.95 -6.13
N ARG B 343 31.06 -16.91 -7.45
CA ARG B 343 32.22 -16.61 -8.26
C ARG B 343 32.70 -15.18 -8.00
N ALA B 344 31.76 -14.23 -7.87
CA ALA B 344 32.16 -12.86 -7.60
C ALA B 344 32.87 -12.71 -6.26
N TRP B 345 32.37 -13.39 -5.23
CA TRP B 345 32.95 -13.38 -3.91
C TRP B 345 34.40 -13.88 -3.89
N GLU B 346 34.71 -14.85 -4.72
CA GLU B 346 36.07 -15.37 -4.86
C GLU B 346 37.04 -14.26 -5.30
N LYS B 347 36.53 -13.25 -6.00
CA LYS B 347 37.37 -12.13 -6.40
C LYS B 347 37.08 -10.88 -5.55
N ASP B 348 36.46 -11.09 -4.38
CA ASP B 348 36.14 -10.04 -3.42
C ASP B 348 35.27 -8.92 -4.00
N VAL B 349 34.43 -9.25 -4.97
CA VAL B 349 33.50 -8.26 -5.51
C VAL B 349 32.23 -8.29 -4.66
N GLN B 350 31.77 -7.12 -4.22
CA GLN B 350 30.54 -7.06 -3.44
C GLN B 350 29.34 -7.32 -4.34
N VAL B 351 28.35 -8.05 -3.83
CA VAL B 351 27.25 -8.52 -4.65
C VAL B 351 25.90 -8.32 -3.99
N MET B 352 24.90 -7.86 -4.75
CA MET B 352 23.51 -8.12 -4.35
C MET B 352 22.78 -8.76 -5.54
N ASN B 353 21.63 -9.38 -5.27
CA ASN B 353 20.86 -10.09 -6.30
C ASN B 353 19.53 -9.41 -6.55
N GLU B 354 19.20 -9.16 -7.82
CA GLU B 354 17.94 -8.50 -8.13
C GLU B 354 16.82 -9.54 -8.18
N GLY B 355 15.64 -9.15 -7.72
CA GLY B 355 14.50 -10.04 -7.64
C GLY B 355 13.28 -9.42 -8.29
N PRO B 356 12.15 -10.13 -8.22
CA PRO B 356 10.89 -9.77 -8.88
C PRO B 356 10.37 -8.45 -8.34
N GLY B 357 9.44 -7.80 -9.04
CA GLY B 357 8.74 -8.31 -10.20
C GLY B 357 7.24 -8.25 -9.95
N HIS B 358 6.43 -8.94 -10.76
CA HIS B 358 5.01 -9.03 -10.47
C HIS B 358 4.78 -10.36 -9.76
N VAL B 359 4.43 -10.33 -8.48
CA VAL B 359 4.24 -11.58 -7.71
C VAL B 359 3.06 -11.47 -6.75
N PRO B 360 2.08 -12.39 -6.87
CA PRO B 360 0.94 -12.32 -5.95
C PRO B 360 1.38 -12.69 -4.53
N MET B 361 0.68 -12.19 -3.53
CA MET B 361 1.17 -12.28 -2.15
C MET B 361 1.48 -13.71 -1.67
N HIS B 362 0.69 -14.69 -2.11
CA HIS B 362 0.89 -16.05 -1.62
C HIS B 362 2.15 -16.68 -2.20
N LYS B 363 2.71 -16.04 -3.22
CA LYS B 363 3.94 -16.54 -3.86
C LYS B 363 5.18 -15.78 -3.39
N ILE B 364 4.99 -14.74 -2.60
CA ILE B 364 6.14 -13.98 -2.13
C ILE B 364 7.07 -14.78 -1.18
N PRO B 365 6.51 -15.54 -0.22
CA PRO B 365 7.44 -16.23 0.70
C PRO B 365 8.45 -17.13 -0.02
N GLU B 366 8.01 -17.86 -1.04
CA GLU B 366 8.89 -18.75 -1.80
C GLU B 366 10.07 -18.01 -2.42
N ASN B 367 9.81 -16.80 -2.91
CA ASN B 367 10.87 -16.02 -3.49
C ASN B 367 12.00 -15.76 -2.52
N MET B 368 11.66 -15.34 -1.31
CA MET B 368 12.66 -15.06 -0.29
C MET B 368 13.38 -16.34 0.14
N GLN B 369 12.61 -17.39 0.41
CA GLN B 369 13.18 -18.66 0.84
C GLN B 369 14.24 -19.16 -0.14
N LYS B 370 13.91 -19.13 -1.42
CA LYS B 370 14.81 -19.69 -2.43
C LYS B 370 16.00 -18.77 -2.64
N GLN B 371 15.79 -17.46 -2.62
CA GLN B 371 16.94 -16.57 -2.79
C GLN B 371 17.92 -16.75 -1.62
N LEU B 372 17.39 -16.82 -0.40
CA LEU B 372 18.23 -16.95 0.79
C LEU B 372 19.10 -18.20 0.69
N GLU B 373 18.51 -19.30 0.23
CA GLU B 373 19.25 -20.55 0.14
C GLU B 373 20.17 -20.61 -1.09
N TRP B 374 19.60 -20.40 -2.26
CA TRP B 374 20.36 -20.59 -3.50
C TRP B 374 21.43 -19.54 -3.71
N CYS B 375 21.27 -18.37 -3.10
CA CYS B 375 22.26 -17.31 -3.29
C CYS B 375 23.03 -16.99 -2.02
N ASN B 376 23.08 -17.93 -1.09
CA ASN B 376 23.93 -17.84 0.10
C ASN B 376 23.80 -16.51 0.87
N GLU B 377 22.56 -16.03 0.96
CA GLU B 377 22.20 -14.87 1.79
C GLU B 377 22.78 -13.54 1.32
N ALA B 378 23.20 -13.46 0.05
CA ALA B 378 23.58 -12.17 -0.52
C ALA B 378 22.39 -11.23 -0.40
N PRO B 379 22.63 -9.92 -0.25
CA PRO B 379 21.48 -8.99 -0.16
C PRO B 379 20.54 -9.12 -1.37
N PHE B 380 19.24 -9.10 -1.09
CA PHE B 380 18.20 -9.21 -2.11
C PHE B 380 17.68 -7.81 -2.41
N TYR B 381 17.38 -7.54 -3.68
CA TYR B 381 17.05 -6.20 -4.20
C TYR B 381 15.85 -6.35 -5.13
N THR B 382 14.65 -5.98 -4.67
CA THR B 382 13.45 -6.32 -5.41
C THR B 382 12.78 -5.10 -6.05
N LEU B 383 12.09 -5.33 -7.17
CA LEU B 383 11.27 -4.28 -7.78
C LEU B 383 9.83 -4.46 -7.32
N GLY B 384 9.48 -3.85 -6.20
CA GLY B 384 8.23 -4.19 -5.53
C GLY B 384 8.44 -5.37 -4.57
N PRO B 385 7.75 -6.48 -4.81
CA PRO B 385 7.00 -6.75 -6.04
C PRO B 385 5.57 -6.20 -6.07
N LEU B 386 5.04 -6.04 -7.28
CA LEU B 386 3.64 -5.69 -7.47
C LEU B 386 2.74 -6.90 -7.18
N THR B 387 1.77 -6.72 -6.31
CA THR B 387 0.92 -7.84 -5.85
C THR B 387 -0.31 -8.04 -6.74
N THR B 388 -0.50 -7.13 -7.71
CA THR B 388 -1.59 -7.27 -8.68
C THR B 388 -1.36 -6.37 -9.89
N ASP B 389 -1.94 -6.76 -11.03
CA ASP B 389 -1.75 -6.01 -12.29
C ASP B 389 -2.87 -5.01 -12.59
N ILE B 390 -3.92 -4.95 -11.78
CA ILE B 390 -5.15 -4.27 -12.17
C ILE B 390 -5.16 -2.74 -12.04
N ALA B 391 -4.13 -2.13 -11.46
CA ALA B 391 -4.22 -0.71 -11.14
C ALA B 391 -3.08 0.19 -11.65
N PRO B 392 -2.78 0.18 -12.96
CA PRO B 392 -1.79 1.14 -13.46
C PRO B 392 -2.20 2.56 -13.03
N GLY B 393 -1.22 3.37 -12.61
CA GLY B 393 -1.52 4.67 -12.03
C GLY B 393 -1.39 4.64 -10.52
N TYR B 394 -1.43 3.42 -9.96
CA TYR B 394 -1.33 3.23 -8.52
C TYR B 394 -0.34 2.12 -8.17
N ASP B 395 0.65 1.91 -9.03
CA ASP B 395 1.51 0.76 -8.82
C ASP B 395 2.54 0.99 -7.72
N HIS B 396 2.63 2.22 -7.23
CA HIS B 396 3.34 2.48 -6.00
C HIS B 396 2.62 1.84 -4.82
N ILE B 397 1.30 1.71 -4.92
CA ILE B 397 0.52 1.08 -3.84
C ILE B 397 0.43 -0.42 -4.00
N THR B 398 0.15 -0.90 -5.21
CA THR B 398 0.14 -2.35 -5.47
C THR B 398 1.50 -2.94 -5.09
N SER B 399 2.57 -2.17 -5.31
CA SER B 399 3.91 -2.72 -5.04
C SER B 399 4.36 -2.43 -3.61
N ALA B 400 3.79 -1.43 -2.95
CA ALA B 400 4.14 -1.17 -1.56
C ALA B 400 3.75 -2.36 -0.70
N ILE B 401 2.62 -2.99 -1.04
CA ILE B 401 2.16 -4.16 -0.33
C ILE B 401 3.21 -5.27 -0.43
N GLY B 402 3.67 -5.53 -1.65
CA GLY B 402 4.66 -6.57 -1.91
C GLY B 402 6.01 -6.23 -1.29
N ALA B 403 6.43 -4.97 -1.42
CA ALA B 403 7.71 -4.54 -0.90
C ALA B 403 7.76 -4.68 0.61
N ALA B 404 6.69 -4.28 1.28
CA ALA B 404 6.65 -4.37 2.74
C ALA B 404 6.74 -5.82 3.16
N ASN B 405 6.01 -6.67 2.46
CA ASN B 405 5.98 -8.09 2.81
C ASN B 405 7.32 -8.79 2.58
N ILE B 406 7.95 -8.54 1.45
CA ILE B 406 9.21 -9.22 1.16
C ILE B 406 10.34 -8.57 1.97
N GLY B 407 10.20 -7.27 2.30
CA GLY B 407 11.10 -6.61 3.23
C GLY B 407 11.03 -7.24 4.62
N ALA B 408 9.83 -7.55 5.08
CA ALA B 408 9.67 -8.18 6.39
C ALA B 408 10.35 -9.55 6.43
N LEU B 409 10.46 -10.21 5.27
CA LEU B 409 11.07 -11.53 5.19
C LEU B 409 12.59 -11.46 5.00
N GLY B 410 13.13 -10.27 4.79
CA GLY B 410 14.57 -10.12 4.74
C GLY B 410 15.18 -9.39 3.55
N THR B 411 14.35 -8.87 2.64
CA THR B 411 14.89 -8.11 1.50
C THR B 411 15.55 -6.82 1.97
N ALA B 412 16.78 -6.58 1.49
CA ALA B 412 17.65 -5.50 2.01
C ALA B 412 17.47 -4.17 1.29
N LEU B 413 17.20 -4.20 -0.01
CA LEU B 413 17.02 -2.97 -0.80
C LEU B 413 15.71 -3.06 -1.58
N LEU B 414 14.84 -2.06 -1.42
CA LEU B 414 13.60 -2.05 -2.14
C LEU B 414 13.65 -1.02 -3.27
N CYS B 415 13.60 -1.48 -4.51
CA CYS B 415 13.58 -0.58 -5.64
C CYS B 415 12.17 0.00 -5.80
N TYR B 416 12.04 1.32 -5.83
CA TYR B 416 10.70 1.88 -5.80
C TYR B 416 10.01 1.69 -7.16
N VAL B 417 8.72 1.95 -7.13
CA VAL B 417 7.82 1.87 -8.26
C VAL B 417 6.96 3.13 -8.10
N THR B 418 6.92 3.96 -9.13
CA THR B 418 6.18 5.23 -9.04
C THR B 418 4.76 5.08 -9.58
N PRO B 419 3.90 6.09 -9.36
CA PRO B 419 2.57 6.01 -9.98
C PRO B 419 2.59 5.95 -11.51
N LYS B 420 3.73 6.28 -12.14
CA LYS B 420 3.78 6.23 -13.60
C LYS B 420 4.29 4.90 -14.19
N GLU B 421 4.53 3.89 -13.34
CA GLU B 421 4.96 2.58 -13.84
C GLU B 421 3.96 2.03 -14.86
N HIS B 422 4.49 1.52 -15.98
CA HIS B 422 3.72 0.98 -17.11
C HIS B 422 3.05 2.05 -17.97
N LEU B 423 3.34 3.31 -17.69
CA LEU B 423 2.57 4.39 -18.33
C LEU B 423 3.45 5.47 -18.97
N GLY B 424 4.58 5.79 -18.37
CA GLY B 424 5.45 6.81 -18.92
C GLY B 424 6.56 7.20 -17.96
N LEU B 425 7.40 8.12 -18.38
CA LEU B 425 8.55 8.53 -17.57
C LEU B 425 8.10 9.30 -16.34
N PRO B 426 8.51 8.88 -15.14
CA PRO B 426 8.06 9.61 -13.95
C PRO B 426 8.62 11.03 -13.89
N ASN B 427 7.80 11.98 -13.44
CA ASN B 427 8.30 13.34 -13.22
C ASN B 427 8.64 13.53 -11.74
N ARG B 428 8.99 14.76 -11.35
CA ARG B 428 9.45 15.03 -9.99
C ARG B 428 8.39 14.69 -8.92
N ASP B 429 7.11 14.90 -9.23
CA ASP B 429 6.06 14.58 -8.28
C ASP B 429 5.97 13.08 -8.08
N ASP B 430 6.10 12.35 -9.18
CA ASP B 430 6.05 10.88 -9.17
C ASP B 430 7.21 10.27 -8.41
N VAL B 431 8.38 10.88 -8.53
CA VAL B 431 9.55 10.46 -7.78
C VAL B 431 9.31 10.59 -6.29
N LYS B 432 8.76 11.72 -5.86
CA LYS B 432 8.48 11.88 -4.44
C LYS B 432 7.43 10.89 -3.96
N ALA B 433 6.38 10.67 -4.75
CA ALA B 433 5.33 9.75 -4.36
C ALA B 433 5.91 8.33 -4.20
N GLY B 434 6.76 7.96 -5.14
CA GLY B 434 7.45 6.69 -5.09
C GLY B 434 8.31 6.53 -3.85
N VAL B 435 9.09 7.56 -3.52
CA VAL B 435 9.98 7.48 -2.36
C VAL B 435 9.17 7.41 -1.05
N ILE B 436 8.12 8.22 -0.93
CA ILE B 436 7.28 8.19 0.27
C ILE B 436 6.67 6.79 0.45
N ALA B 437 6.10 6.24 -0.63
CA ALA B 437 5.45 4.90 -0.53
C ALA B 437 6.46 3.85 -0.07
N TYR B 438 7.69 3.99 -0.56
CA TYR B 438 8.66 2.94 -0.26
C TYR B 438 9.32 3.13 1.09
N LYS B 439 9.39 4.38 1.57
CA LYS B 439 9.85 4.63 2.94
C LYS B 439 8.86 4.05 3.94
N ILE B 440 7.58 4.14 3.60
CA ILE B 440 6.54 3.47 4.39
C ILE B 440 6.77 1.97 4.41
N ALA B 441 6.95 1.37 3.24
CA ALA B 441 7.13 -0.08 3.16
C ALA B 441 8.39 -0.51 3.93
N ALA B 442 9.47 0.22 3.74
CA ALA B 442 10.74 -0.06 4.41
C ALA B 442 10.63 0.01 5.92
N HIS B 443 9.90 1.00 6.42
CA HIS B 443 9.80 1.19 7.85
C HIS B 443 8.86 0.16 8.47
N ALA B 444 7.78 -0.15 7.75
CA ALA B 444 6.85 -1.19 8.18
C ALA B 444 7.61 -2.52 8.28
N ALA B 445 8.54 -2.75 7.35
CA ALA B 445 9.38 -3.94 7.38
C ALA B 445 10.32 -3.94 8.59
N ASP B 446 10.95 -2.80 8.87
CA ASP B 446 11.79 -2.63 10.07
C ASP B 446 11.03 -2.99 11.34
N LEU B 447 9.79 -2.51 11.47
CA LEU B 447 8.97 -2.86 12.62
C LEU B 447 8.68 -4.36 12.71
N ALA B 448 8.36 -4.96 11.57
CA ALA B 448 8.04 -6.37 11.52
C ALA B 448 9.27 -7.22 11.88
N LYS B 449 10.45 -6.71 11.58
CA LYS B 449 11.69 -7.43 11.88
C LYS B 449 12.11 -7.16 13.33
N GLN B 450 11.34 -6.29 14.00
CA GLN B 450 11.70 -5.80 15.33
C GLN B 450 13.14 -5.25 15.33
N HIS B 451 13.47 -4.48 14.31
CA HIS B 451 14.78 -3.86 14.22
C HIS B 451 14.91 -2.86 15.38
N PRO B 452 16.05 -2.87 16.09
CA PRO B 452 16.19 -2.06 17.31
C PRO B 452 15.87 -0.58 17.09
N HIS B 453 15.04 -0.03 17.97
CA HIS B 453 14.67 1.38 18.03
C HIS B 453 13.78 1.85 16.86
N ALA B 454 13.37 0.92 16.00
CA ALA B 454 12.54 1.26 14.85
C ALA B 454 11.23 1.92 15.31
N GLN B 455 10.58 1.35 16.32
CA GLN B 455 9.29 1.86 16.80
C GLN B 455 9.39 3.21 17.53
N ALA B 456 10.59 3.65 17.88
CA ALA B 456 10.74 4.98 18.50
C ALA B 456 10.11 6.09 17.67
N TRP B 457 10.22 5.96 16.34
CA TRP B 457 9.63 6.93 15.44
C TRP B 457 8.11 6.97 15.57
N ASP B 458 7.48 5.81 15.45
CA ASP B 458 6.03 5.69 15.60
C ASP B 458 5.54 6.19 16.94
N ASP B 459 6.30 5.89 17.99
CA ASP B 459 5.92 6.24 19.36
C ASP B 459 5.94 7.76 19.54
N ALA B 460 6.97 8.41 19.01
CA ALA B 460 7.09 9.87 19.07
C ALA B 460 5.93 10.56 18.38
N LEU B 461 5.63 10.14 17.15
CA LEU B 461 4.53 10.79 16.44
C LEU B 461 3.20 10.50 17.14
N SER B 462 2.97 9.26 17.55
CA SER B 462 1.70 8.90 18.20
C SER B 462 1.50 9.65 19.53
N LYS B 463 2.58 9.86 20.28
CA LYS B 463 2.51 10.68 21.50
C LYS B 463 2.07 12.11 21.17
N ALA B 464 2.68 12.67 20.13
CA ALA B 464 2.33 13.98 19.65
C ALA B 464 0.86 14.01 19.22
N ARG B 465 0.41 12.94 18.58
CA ARG B 465 -0.98 12.83 18.15
C ARG B 465 -1.94 12.88 19.35
N PHE B 466 -1.64 12.11 20.40
CA PHE B 466 -2.53 12.03 21.56
C PHE B 466 -2.54 13.31 22.38
N GLU B 467 -1.42 14.01 22.42
CA GLU B 467 -1.32 15.26 23.18
C GLU B 467 -1.69 16.51 22.36
N PHE B 468 -2.15 16.29 21.14
CA PHE B 468 -2.58 17.35 20.24
C PHE B 468 -1.51 18.40 19.97
N ARG B 469 -0.25 17.97 20.00
CA ARG B 469 0.83 18.81 19.51
C ARG B 469 0.88 18.69 17.99
N TRP B 470 -0.07 19.32 17.31
CA TRP B 470 -0.24 19.17 15.87
C TRP B 470 1.02 19.49 15.06
N MET B 471 1.71 20.58 15.39
CA MET B 471 2.88 20.96 14.60
C MET B 471 4.00 19.94 14.80
N ASP B 472 4.11 19.40 16.02
CA ASP B 472 5.05 18.31 16.29
C ASP B 472 4.71 17.07 15.47
N GLN B 473 3.42 16.73 15.42
CA GLN B 473 2.98 15.57 14.64
C GLN B 473 3.40 15.74 13.19
N PHE B 474 3.13 16.91 12.63
CA PHE B 474 3.48 17.18 11.25
C PHE B 474 4.99 17.06 11.09
N ALA B 475 5.74 17.63 12.03
CA ALA B 475 7.19 17.71 11.91
C ALA B 475 7.85 16.34 11.93
N LEU B 476 7.24 15.41 12.68
CA LEU B 476 7.80 14.08 12.87
C LEU B 476 7.51 13.13 11.72
N SER B 477 6.66 13.54 10.80
CA SER B 477 6.15 12.64 9.78
C SER B 477 7.01 12.58 8.52
N LEU B 478 6.75 11.60 7.68
CA LEU B 478 7.48 11.39 6.43
C LEU B 478 7.42 12.61 5.50
N ASP B 479 6.29 13.33 5.54
CA ASP B 479 6.07 14.49 4.66
C ASP B 479 5.27 15.57 5.41
N PRO B 480 5.95 16.36 6.24
CA PRO B 480 5.34 17.35 7.14
C PRO B 480 4.36 18.31 6.49
N MET B 481 4.66 18.81 5.29
CA MET B 481 3.86 19.90 4.74
C MET B 481 2.59 19.36 4.12
N THR B 482 2.64 18.11 3.66
CA THR B 482 1.43 17.45 3.18
C THR B 482 0.47 17.23 4.34
N ALA B 483 0.99 16.69 5.44
CA ALA B 483 0.21 16.49 6.65
C ALA B 483 -0.44 17.79 7.12
N MET B 484 0.38 18.82 7.30
CA MET B 484 -0.15 20.12 7.71
C MET B 484 -1.18 20.70 6.72
N SER B 485 -0.87 20.70 5.42
CA SER B 485 -1.80 21.29 4.44
C SER B 485 -3.11 20.51 4.41
N PHE B 486 -3.04 19.19 4.56
CA PHE B 486 -4.25 18.38 4.62
C PHE B 486 -5.12 18.75 5.82
N HIS B 487 -4.48 18.91 6.96
CA HIS B 487 -5.21 19.28 8.16
C HIS B 487 -5.83 20.67 7.97
N ASP B 488 -5.06 21.58 7.39
CA ASP B 488 -5.48 22.98 7.25
C ASP B 488 -6.57 23.19 6.20
N GLU B 489 -6.87 22.17 5.39
CA GLU B 489 -7.90 22.31 4.38
C GLU B 489 -9.27 22.62 5.00
N THR B 490 -9.49 22.13 6.22
CA THR B 490 -10.74 22.37 6.91
C THR B 490 -10.59 23.19 8.19
N LEU B 491 -9.38 23.29 8.70
CA LEU B 491 -9.09 24.07 9.91
C LEU B 491 -7.79 24.88 9.78
N PRO B 492 -7.84 25.99 9.06
CA PRO B 492 -6.63 26.74 8.70
C PRO B 492 -6.09 27.70 9.77
N ALA B 493 -6.88 28.04 10.79
CA ALA B 493 -6.43 29.01 11.80
C ALA B 493 -5.26 28.50 12.63
N ASP B 494 -4.38 29.41 13.03
CA ASP B 494 -3.25 29.06 13.89
C ASP B 494 -3.72 28.41 15.18
N GLY B 495 -4.85 28.91 15.71
CA GLY B 495 -5.41 28.37 16.94
C GLY B 495 -5.75 26.88 16.85
N ALA B 496 -6.12 26.42 15.67
CA ALA B 496 -6.50 25.02 15.48
C ALA B 496 -5.30 24.08 15.66
N LYS B 497 -4.08 24.62 15.59
CA LYS B 497 -2.88 23.81 15.82
C LYS B 497 -2.71 23.44 17.29
N VAL B 498 -3.59 23.93 18.16
CA VAL B 498 -3.55 23.50 19.55
C VAL B 498 -4.92 22.96 20.01
N ALA B 499 -5.83 22.78 19.05
CA ALA B 499 -7.17 22.26 19.34
C ALA B 499 -7.13 20.78 19.71
N HIS B 500 -7.99 20.41 20.65
CA HIS B 500 -8.13 19.01 21.04
C HIS B 500 -9.22 18.32 20.22
N PHE B 501 -9.07 18.43 18.90
CA PHE B 501 -9.95 17.84 17.89
C PHE B 501 -9.43 18.26 16.52
N CYS B 502 -10.00 17.67 15.47
CA CYS B 502 -9.81 18.17 14.11
C CYS B 502 -11.19 18.06 13.46
N SER B 503 -11.28 18.25 12.15
CA SER B 503 -12.59 18.34 11.50
C SER B 503 -13.24 16.99 11.25
N MET B 504 -12.46 15.92 11.40
CA MET B 504 -13.02 14.57 11.24
C MET B 504 -14.16 14.29 12.21
N CYS B 505 -13.93 14.52 13.50
CA CYS B 505 -14.93 14.26 14.53
C CYS B 505 -15.55 15.53 15.11
N GLY B 506 -14.81 16.64 15.07
CA GLY B 506 -15.26 17.86 15.72
C GLY B 506 -15.01 17.82 17.23
N PRO B 507 -15.28 18.93 17.93
CA PRO B 507 -14.98 19.06 19.36
C PRO B 507 -15.70 18.05 20.24
N LYS B 508 -16.93 17.70 19.90
CA LYS B 508 -17.78 16.88 20.77
C LYS B 508 -17.54 15.39 20.62
N PHE B 509 -16.84 15.00 19.56
CA PHE B 509 -16.76 13.58 19.21
C PHE B 509 -15.32 13.08 19.09
N CYS B 510 -14.35 13.94 19.36
CA CYS B 510 -12.94 13.52 19.31
C CYS B 510 -12.63 12.51 20.42
N SER B 511 -12.25 11.29 20.02
CA SER B 511 -12.09 10.20 20.99
C SER B 511 -10.89 10.39 21.91
N MET B 512 -9.84 11.06 21.43
CA MET B 512 -8.65 11.25 22.25
C MET B 512 -8.92 12.33 23.30
N LYS B 513 -9.72 13.33 22.96
CA LYS B 513 -10.16 14.32 23.93
C LYS B 513 -11.09 13.67 24.97
N ILE B 514 -12.00 12.83 24.51
CA ILE B 514 -12.86 12.09 25.43
C ILE B 514 -12.04 11.19 26.34
N THR B 515 -10.99 10.56 25.79
CA THR B 515 -10.07 9.78 26.62
C THR B 515 -9.43 10.67 27.69
N GLU B 516 -9.09 11.91 27.33
CA GLU B 516 -8.57 12.84 28.32
C GLU B 516 -9.56 12.98 29.49
N ASP B 517 -10.83 13.18 29.15
CA ASP B 517 -11.91 13.33 30.13
C ASP B 517 -12.00 12.10 31.00
N ILE B 518 -11.94 10.92 30.36
CA ILE B 518 -12.02 9.66 31.06
C ILE B 518 -10.89 9.54 32.09
N ARG B 519 -9.70 9.94 31.68
CA ARG B 519 -8.54 9.83 32.56
C ARG B 519 -8.56 10.89 33.66
N LYS B 520 -9.11 12.05 33.35
CA LYS B 520 -9.30 13.10 34.35
C LYS B 520 -10.24 12.60 35.45
N TYR B 521 -11.35 12.00 35.04
CA TYR B 521 -12.35 11.49 35.97
C TYR B 521 -11.78 10.38 36.85
N ALA B 522 -10.95 9.53 36.25
CA ALA B 522 -10.34 8.42 36.99
C ALA B 522 -9.24 8.92 37.93
N GLU B 523 -8.52 9.96 37.51
CA GLU B 523 -7.46 10.53 38.33
C GLU B 523 -8.02 11.07 39.65
N GLU B 524 -9.25 11.58 39.59
CA GLU B 524 -9.92 12.12 40.77
C GLU B 524 -10.70 11.06 41.55
N ASN B 525 -11.54 10.30 40.83
CA ASN B 525 -12.49 9.40 41.47
C ASN B 525 -12.17 7.91 41.36
N GLY B 526 -11.08 7.58 40.66
CA GLY B 526 -10.68 6.19 40.50
C GLY B 526 -11.46 5.44 39.43
N TYR B 527 -10.93 4.28 39.04
CA TYR B 527 -11.57 3.42 38.04
C TYR B 527 -12.57 2.45 38.67
FE1 SF4 C . 6.67 1.69 -21.76
FE2 SF4 C . 9.06 0.40 -21.02
FE3 SF4 C . 7.57 -0.53 -23.14
FE4 SF4 C . 6.53 -0.78 -20.65
S1 SF4 C . 8.35 -1.80 -21.47
S2 SF4 C . 5.47 -0.07 -22.58
S3 SF4 C . 7.38 1.07 -19.66
S4 SF4 C . 8.50 1.54 -22.99
C5 IRN D . -14.06 -0.97 11.43
C4 IRN D . -13.25 -1.76 12.20
N3 IRN D . -13.07 -1.10 13.36
C2 IRN D . -13.74 0.06 13.28
N1 IRN D . -14.36 0.15 12.10
C1' IRN D . -15.21 1.24 11.59
O4' IRN D . -14.60 2.45 11.97
C2' IRN D . -16.61 1.34 12.16
O2' IRN D . -17.50 0.40 11.62
C3' IRN D . -16.90 2.78 11.79
O3' IRN D . -16.95 2.83 10.37
C4' IRN D . -15.57 3.46 12.12
C5' IRN D . -15.40 4.20 13.45
O5' IRN D . -15.94 3.50 14.51
P IRN D . -15.61 3.83 16.05
O6 IRN D . -16.84 4.49 16.56
O7 IRN D . -14.49 4.71 15.93
O8 IRN D . -15.34 2.57 16.76
N SAH E . -7.58 7.32 13.94
CA SAH E . -8.42 6.71 14.96
CB SAH E . -9.88 7.15 14.85
CG SAH E . -10.07 8.66 14.80
SD SAH E . -11.75 9.28 14.46
C SAH E . -8.34 5.20 14.91
O SAH E . -7.28 4.60 14.71
OXT SAH E . -9.36 4.54 15.12
C5' SAH E . -12.56 7.72 13.91
C4' SAH E . -12.34 7.15 12.48
O4' SAH E . -13.50 6.70 11.77
C3' SAH E . -11.65 8.11 11.51
O3' SAH E . -10.26 8.01 11.69
C2' SAH E . -12.05 7.62 10.16
O2' SAH E . -11.36 6.43 9.84
C1' SAH E . -13.47 7.20 10.43
N9 SAH E . -14.46 8.31 10.30
C8 SAH E . -15.13 8.88 11.36
N7 SAH E . -15.97 9.83 10.86
C5 SAH E . -15.87 9.84 9.52
C6 SAH E . -16.50 10.60 8.53
N6 SAH E . -17.41 11.51 8.87
N1 SAH E . -16.19 10.40 7.20
C2 SAH E . -15.24 9.47 6.85
N3 SAH E . -14.62 8.72 7.83
C4 SAH E . -14.91 8.89 9.15
ZN ZN F . -5.73 5.93 13.84
CL CL G . -6.57 10.88 15.20
CL CL H . 5.25 -1.88 -19.24
FE1 SF4 I . -9.47 14.39 14.66
FE2 SF4 I . -11.16 12.28 15.41
FE3 SF4 I . -9.80 13.72 17.36
FE4 SF4 I . -8.38 12.09 15.63
S1 SF4 I . -9.86 11.48 17.20
S2 SF4 I . -7.94 14.29 16.31
S3 SF4 I . -9.60 12.27 13.77
S4 SF4 I . -11.30 14.56 15.89
C5 IRN J . 15.57 -4.09 -9.16
C4 IRN J . 15.21 -5.40 -8.98
N3 IRN J . 14.95 -5.89 -10.21
C2 IRN J . 15.13 -4.90 -11.09
N1 IRN J . 15.51 -3.79 -10.46
C1' IRN J . 15.83 -2.47 -11.01
O4' IRN J . 14.95 -2.18 -12.08
C2' IRN J . 17.20 -2.33 -11.64
O2' IRN J . 18.20 -2.20 -10.64
C3' IRN J . 16.95 -1.10 -12.48
O3' IRN J . 16.70 -0.03 -11.57
C4' IRN J . 15.56 -1.37 -13.04
C5' IRN J . 15.39 -1.92 -14.47
O5' IRN J . 16.24 -2.99 -14.74
P IRN J . 16.03 -3.93 -16.04
O6 IRN J . 14.63 -3.68 -16.43
O7 IRN J . 17.02 -3.52 -17.06
O8 IRN J . 16.27 -5.27 -15.54
N SAH K . 7.19 -3.00 -16.13
CA SAH K . 8.35 -3.82 -16.44
CB SAH K . 9.59 -2.99 -16.81
CG SAH K . 9.27 -2.01 -17.91
SD SAH K . 10.57 -0.78 -18.29
C SAH K . 8.64 -4.68 -15.22
O SAH K . 9.80 -4.89 -14.88
OXT SAH K . 7.68 -5.12 -14.56
C5' SAH K . 11.76 -1.01 -16.90
C4' SAH K . 11.49 -0.40 -15.49
O4' SAH K . 12.62 0.21 -14.86
C3' SAH K . 10.41 0.69 -15.44
O3' SAH K . 9.11 0.18 -15.36
C2' SAH K . 10.75 1.47 -14.21
O2' SAH K . 10.35 0.75 -13.05
C1' SAH K . 12.25 1.44 -14.24
N9 SAH K . 12.81 2.57 -15.03
C8 SAH K . 13.41 2.42 -16.24
N7 SAH K . 13.82 3.63 -16.70
C5 SAH K . 13.48 4.56 -15.79
C6 SAH K . 13.66 5.93 -15.78
N6 SAH K . 14.29 6.52 -16.79
N1 SAH K . 13.21 6.67 -14.70
C2 SAH K . 12.58 6.03 -13.65
N3 SAH K . 12.39 4.67 -13.68
C4 SAH K . 12.84 3.91 -14.73
ZN ZN L . 5.79 -4.26 -14.66
#